data_7WZ7
#
_entry.id   7WZ7
#
loop_
_entity.id
_entity.type
_entity.pdbx_description
1 polymer 'engineered G alpha 12 subunit'
2 polymer 'Guanine nucleotide-binding protein G(I)/G(S)/G(T) subunit beta-1'
3 polymer scFv16
4 polymer 'Guanine nucleotide-binding protein G(I)/G(S)/G(O) subunit gamma-2'
5 polymer 'Adhesion G-protein coupled receptor F1'
#
loop_
_entity_poly.entity_id
_entity_poly.type
_entity_poly.pdbx_seq_one_letter_code
_entity_poly.pdbx_strand_id
1 'polypeptide(L)'
;MMGCTLSAEDKAAVERSKMIDALLARERRAVRRLVKILLLGADNSGKSTFLKQMRIIHVNGYSEEECKQYKAVVYSNTIQ
SIIAIIRAMGRLKIDFGDSARADDARQLFVLAGAAEEGFMTAELAGVIKRLWKDSGVQACFNRSREYQLNDSAAYYLNDL
DRIAQPNYIPTQQDVLRTRVKTKGIVEHDFVIKKIPFKMVDVGAQRSQRQKWFQCFDGITSILFMVDSSDYNRLVESMND
FETIVNNKLFFNVSIILFLNKMDLLVEKVKTVSIKKHFPDFRGDPHRLEDVQRYLVQCFDRKRRNRSKPLFHHFTTSIDT
ENARFIFHAVKDTILQENLKDIMLQ
;
A
2 'polypeptide(L)'
;MGSLLQSELDQLRQEAEQLKNQIRDARKACADATLSQITNNIDPVGRIQMRTRRTLRGHLAKIYAMHWGTDSRLLVSASQ
DGKLIIWDSYTTNKVHAIPLRSSWVMTCAYAPSGNYVACGGLDNICSIYNLKTREGNVRVSRELAGHTGYLSCCRFLDDN
QIVTSSGDTTCALWDIETGQQTTTFTGHTGDVMSLSLAPDTRLFVSGACDASAKLWDVREGMCRQTFTGHESDINAICFF
PNGNAFATGSDDATCRLFDLRADQELMTYSHDNIICGITSVSFSKSGRLLLAGYDDFNCNVWDALKADRAGVLAGHDNRV
SCLGVTDDGMAVATGSWDSFLKIWN
;
B
3 'polypeptide(L)'
;VQLVESGGGLVQPGGSRKLSCSASGFAFSSFGMHWVRQAPEKGLEWVAYISSGSGTIYYADTVKGRFTISRDDPKNTLFL
QMTSLRSEDTAMYYCVRSIYYYGSSPFDFWGQGTTLTVSAGGGGSGGGGSGGGGSADIVMTQATSSVPVTPGESVSISCR
SSKSLLHSNGNTYLYWFLQRPGQSPQLLIYRMSNLASGVPDRFSGSGSGTAFTLTISRLEAEDVGVYYCMQHLEYPLTFG
AGTKLEL
;
C
4 'polypeptide(L)' MASNNTASIAQARKLVEQLKMEANIDRIKVSKAAADLMAYCEAHAKEDPLLTPVPASENPFREKKFFCAIL E
5 'polypeptide(L)'
;MKVGVLWLISFFTFTDGHGGFLGKNDGIKTKKELIVNKKKHLGPVEEYQLLLQVTYRDSKEKRDLRNFLKLLKPPLLWSH
GLIRIIRAKATTDCNSLNGVLQCTCEDSYTWFPPSCLDPQNCYLHTAGALPSCECHLNNLSQSVNFCERTKIWGTFKINE
RFTNDLLNSSSAIYSKYANGIEIQLKKAYERIQGFESVQVTQFRNGSIVAGYEVVGSSSASELLSAIEHVAEKAKTALHK
LFPLEDGSFRVFGKAQCNDIVFGFGSKDDEYTLPCSSGYRGNITAKCESSGWQVIRETCVLSLLEELNKNFSMIVGNATE
AAVSSFVQNLSVIIRQNPSTTVGNLASVVSILSNISSLSLASHFRVSNSTMEDVISIADNILNSASVTNWTVLLREEKYA
SSRLLETLENISTLVPPTALPLNFSRKFIDWKGIPVNKSQLKRGYSYQIKMCPQNTSIPIRGRVLIGSDQFQRSLPETII
SMASLTLGNILPVSKNGNAQVNGPVISTVIQNYSINEVFLFFSKIESNLSQPHCVFWDFSHLQWNDAGCHLVNETQDIVT
CQCTHLTSFSILMSPFVPSTIFPVVKWITYVGLGISIGSLILCLIIEALFWKQIKKSQTSHTRRICMVNIALSLLIADVW
FIVGATVDTTVNPSGVCTAAVFFTHFFYLSLFFWMLMLGILLAYRIILVFHHMAQHLMMAVGFCLGYGCPLIISVITIAV
TQPSNTYKRKDVCWLNWSNGSKPLLAFVVPALAIVAVNFVVVLLVLTKLWRPTVGERLSRDDKATIIRVGKSLLILTPLL
GLTWGFGIGTIVDSQNLAWHVIFALLNAFQGFFILCFGILLDSKLRQLLFNKLSALSSWKQTEKQNSSDLSAKPKFSKPF
NPLQNKGHYAFSHTGDSSDNIMLTQFVSNE
;
R
#
# COMPACT_ATOMS: atom_id res chain seq x y z
N LEU A 6 1.99 19.86 16.68
CA LEU A 6 0.60 19.43 16.72
C LEU A 6 -0.14 20.16 17.83
N SER A 7 -1.35 20.66 17.54
CA SER A 7 -2.09 21.41 18.52
C SER A 7 -3.59 21.56 18.31
N ALA A 8 -4.35 20.66 18.95
CA ALA A 8 -5.77 20.86 19.21
C ALA A 8 -6.68 20.66 18.02
N GLU A 9 -6.12 20.58 16.83
CA GLU A 9 -6.88 20.06 15.71
C GLU A 9 -6.11 18.98 14.98
N ASP A 10 -4.78 19.05 15.01
CA ASP A 10 -3.96 18.00 14.43
C ASP A 10 -3.96 16.75 15.27
N LYS A 11 -4.08 16.88 16.60
CA LYS A 11 -4.23 15.71 17.43
C LYS A 11 -5.50 14.96 17.09
N ALA A 12 -6.58 15.69 16.87
CA ALA A 12 -7.84 15.06 16.50
C ALA A 12 -7.76 14.45 15.10
N ALA A 13 -7.09 15.12 14.17
CA ALA A 13 -6.92 14.54 12.84
C ALA A 13 -6.09 13.26 12.89
N VAL A 14 -5.06 13.25 13.73
CA VAL A 14 -4.24 12.07 13.90
C VAL A 14 -5.05 10.94 14.51
N GLU A 15 -5.95 11.26 15.44
CA GLU A 15 -6.85 10.25 15.95
C GLU A 15 -7.71 9.68 14.85
N ARG A 16 -8.23 10.53 13.98
CA ARG A 16 -9.03 10.06 12.86
C ARG A 16 -8.24 9.13 11.95
N SER A 17 -6.99 9.51 11.66
CA SER A 17 -6.15 8.69 10.80
C SER A 17 -5.81 7.36 11.46
N LYS A 18 -5.59 7.38 12.77
CA LYS A 18 -5.33 6.14 13.49
C LYS A 18 -6.54 5.22 13.44
N MET A 19 -7.74 5.79 13.54
CA MET A 19 -8.93 4.97 13.38
C MET A 19 -9.02 4.37 11.99
N ILE A 20 -8.68 5.14 10.96
CA ILE A 20 -8.72 4.59 9.61
C ILE A 20 -7.68 3.48 9.44
N ASP A 21 -6.50 3.68 10.02
CA ASP A 21 -5.48 2.62 10.04
C ASP A 21 -6.00 1.37 10.73
N ALA A 22 -6.72 1.56 11.84
CA ALA A 22 -7.27 0.41 12.55
C ALA A 22 -8.23 -0.36 11.66
N LEU A 23 -9.11 0.33 10.98
CA LEU A 23 -10.05 -0.35 10.09
C LEU A 23 -9.32 -1.07 8.95
N LEU A 24 -8.32 -0.41 8.37
CA LEU A 24 -7.55 -1.05 7.30
C LEU A 24 -6.81 -2.29 7.79
N ALA A 25 -6.25 -2.24 9.00
CA ALA A 25 -5.61 -3.42 9.55
C ALA A 25 -6.61 -4.54 9.78
N ARG A 26 -7.81 -4.20 10.25
CA ARG A 26 -8.85 -5.21 10.36
C ARG A 26 -9.06 -5.90 9.03
N GLU A 27 -9.17 -5.12 7.95
CA GLU A 27 -9.48 -5.78 6.69
C GLU A 27 -8.26 -6.49 6.12
N ARG A 28 -7.05 -6.10 6.50
CA ARG A 28 -5.89 -6.87 6.06
C ARG A 28 -5.87 -8.23 6.75
N ARG A 29 -6.16 -8.25 8.04
CA ARG A 29 -6.32 -9.53 8.73
C ARG A 29 -7.34 -10.39 8.02
N ALA A 30 -8.47 -9.80 7.63
CA ALA A 30 -9.48 -10.58 6.94
C ALA A 30 -8.99 -11.05 5.56
N VAL A 31 -8.22 -10.22 4.85
CA VAL A 31 -7.96 -10.46 3.43
C VAL A 31 -6.78 -11.40 3.24
N ARG A 32 -5.73 -11.25 4.03
CA ARG A 32 -4.51 -12.01 3.80
C ARG A 32 -4.75 -13.51 3.88
N ARG A 33 -5.85 -13.93 4.49
CA ARG A 33 -6.26 -15.32 4.52
C ARG A 33 -7.04 -15.72 3.28
N LEU A 34 -7.52 -14.77 2.49
CA LEU A 34 -8.40 -15.04 1.38
C LEU A 34 -7.58 -15.35 0.13
N VAL A 35 -7.76 -16.55 -0.40
CA VAL A 35 -7.00 -17.04 -1.54
C VAL A 35 -7.90 -17.04 -2.76
N LYS A 36 -7.31 -16.79 -3.91
CA LYS A 36 -8.06 -16.55 -5.13
C LYS A 36 -7.80 -17.67 -6.13
N ILE A 37 -8.89 -18.12 -6.74
CA ILE A 37 -8.85 -19.17 -7.74
C ILE A 37 -9.55 -18.65 -8.97
N LEU A 38 -8.80 -18.23 -9.98
CA LEU A 38 -9.43 -17.80 -11.21
C LEU A 38 -10.13 -18.98 -11.86
N LEU A 39 -11.16 -18.68 -12.63
CA LEU A 39 -11.90 -19.68 -13.37
C LEU A 39 -11.82 -19.31 -14.84
N LEU A 40 -11.56 -20.29 -15.69
CA LEU A 40 -11.54 -20.08 -17.12
C LEU A 40 -12.06 -21.32 -17.83
N GLY A 41 -12.26 -21.18 -19.13
CA GLY A 41 -12.68 -22.31 -19.94
C GLY A 41 -13.94 -22.05 -20.72
N ALA A 42 -14.07 -22.71 -21.88
CA ALA A 42 -15.23 -22.55 -22.73
C ALA A 42 -16.41 -23.38 -22.26
N ASP A 43 -16.22 -24.25 -21.27
CA ASP A 43 -17.31 -25.07 -20.74
C ASP A 43 -18.09 -24.24 -19.73
N ASN A 44 -18.98 -23.40 -20.26
CA ASN A 44 -19.78 -22.52 -19.41
C ASN A 44 -20.71 -23.31 -18.50
N SER A 45 -21.31 -24.39 -19.01
CA SER A 45 -22.18 -25.22 -18.19
C SER A 45 -21.41 -25.86 -17.04
N GLY A 46 -20.20 -26.32 -17.30
CA GLY A 46 -19.37 -26.85 -16.22
C GLY A 46 -19.04 -25.79 -15.20
N LYS A 47 -18.74 -24.58 -15.65
CA LYS A 47 -18.50 -23.47 -14.73
C LYS A 47 -19.70 -23.26 -13.82
N SER A 48 -20.89 -23.18 -14.41
CA SER A 48 -22.10 -22.94 -13.61
C SER A 48 -22.36 -24.08 -12.64
N THR A 49 -22.20 -25.32 -13.10
CA THR A 49 -22.47 -26.47 -12.23
C THR A 49 -21.52 -26.51 -11.06
N PHE A 50 -20.23 -26.31 -11.31
CA PHE A 50 -19.26 -26.30 -10.23
C PHE A 50 -19.53 -25.16 -9.26
N LEU A 51 -19.85 -23.98 -9.80
CA LEU A 51 -20.15 -22.86 -8.92
C LEU A 51 -21.32 -23.18 -8.01
N LYS A 52 -22.40 -23.73 -8.58
CA LYS A 52 -23.58 -24.06 -7.79
C LYS A 52 -23.27 -25.09 -6.73
N GLN A 53 -22.54 -26.15 -7.09
CA GLN A 53 -22.22 -27.19 -6.10
C GLN A 53 -21.35 -26.64 -4.99
N MET A 54 -20.34 -25.85 -5.34
CA MET A 54 -19.45 -25.29 -4.32
C MET A 54 -20.20 -24.36 -3.39
N ARG A 55 -21.05 -23.48 -3.92
CA ARG A 55 -21.80 -22.58 -3.05
C ARG A 55 -22.81 -23.34 -2.21
N ILE A 56 -23.40 -24.41 -2.74
CA ILE A 56 -24.32 -25.22 -1.95
C ILE A 56 -23.60 -25.83 -0.77
N ILE A 57 -22.39 -26.36 -0.98
CA ILE A 57 -21.66 -26.96 0.14
C ILE A 57 -21.23 -25.90 1.14
N HIS A 58 -20.67 -24.80 0.66
CA HIS A 58 -19.88 -23.91 1.50
C HIS A 58 -20.62 -22.65 1.92
N VAL A 59 -21.90 -22.53 1.59
CA VAL A 59 -22.74 -21.43 2.04
C VAL A 59 -23.86 -21.91 2.95
N ASN A 60 -24.64 -22.89 2.47
CA ASN A 60 -25.69 -23.52 3.26
C ASN A 60 -26.70 -22.50 3.80
N LYS A 183 -22.80 -7.22 -16.40
CA LYS A 183 -22.22 -8.56 -16.28
C LYS A 183 -20.73 -8.50 -16.00
N GLY A 184 -19.95 -9.06 -16.92
CA GLY A 184 -18.50 -9.06 -16.77
C GLY A 184 -18.00 -10.14 -15.82
N ILE A 185 -17.00 -9.77 -15.03
CA ILE A 185 -16.43 -10.66 -14.04
C ILE A 185 -17.49 -11.00 -13.00
N VAL A 186 -17.58 -12.28 -12.65
CA VAL A 186 -18.56 -12.76 -11.69
C VAL A 186 -17.82 -13.39 -10.51
N GLU A 187 -17.58 -12.59 -9.48
CA GLU A 187 -16.92 -13.06 -8.27
C GLU A 187 -17.82 -14.06 -7.55
N HIS A 188 -17.19 -14.91 -6.75
CA HIS A 188 -17.89 -15.82 -5.84
C HIS A 188 -17.08 -15.96 -4.57
N ASP A 189 -17.67 -15.62 -3.44
CA ASP A 189 -17.02 -15.73 -2.15
C ASP A 189 -17.62 -16.92 -1.39
N PHE A 190 -16.76 -17.82 -0.91
CA PHE A 190 -17.23 -18.79 0.07
C PHE A 190 -16.05 -19.31 0.88
N VAL A 191 -16.33 -20.30 1.72
CA VAL A 191 -15.39 -20.78 2.73
C VAL A 191 -15.57 -22.29 2.87
N ILE A 192 -14.55 -23.07 2.50
CA ILE A 192 -14.72 -24.51 2.49
C ILE A 192 -14.46 -25.10 3.86
N LYS A 193 -13.22 -24.98 4.35
CA LYS A 193 -12.79 -25.63 5.56
C LYS A 193 -12.17 -24.54 6.42
N LYS A 194 -12.91 -23.45 6.57
CA LYS A 194 -12.51 -22.23 7.28
C LYS A 194 -11.48 -21.44 6.50
N ILE A 195 -11.44 -21.59 5.18
CA ILE A 195 -10.42 -20.96 4.34
C ILE A 195 -11.15 -20.14 3.28
N PRO A 196 -10.95 -18.82 3.24
CA PRO A 196 -11.73 -17.99 2.32
C PRO A 196 -11.29 -18.17 0.87
N PHE A 197 -12.20 -18.68 0.05
CA PHE A 197 -12.05 -18.75 -1.39
C PHE A 197 -12.79 -17.64 -2.09
N LYS A 198 -12.10 -17.06 -3.06
CA LYS A 198 -12.67 -16.10 -3.98
C LYS A 198 -12.45 -16.66 -5.37
N MET A 199 -13.52 -17.21 -5.96
CA MET A 199 -13.44 -17.68 -7.34
C MET A 199 -13.86 -16.55 -8.27
N VAL A 200 -12.90 -16.02 -9.02
CA VAL A 200 -13.11 -14.80 -9.75
C VAL A 200 -14.02 -15.00 -10.95
N ASP A 201 -13.85 -16.09 -11.68
CA ASP A 201 -14.67 -16.39 -12.85
C ASP A 201 -14.70 -15.24 -13.85
N VAL A 202 -13.57 -14.99 -14.49
CA VAL A 202 -13.51 -14.08 -15.61
C VAL A 202 -14.43 -14.56 -16.72
N ARG A 209 -7.67 -9.55 -23.24
CA ARG A 209 -7.66 -9.89 -21.82
C ARG A 209 -6.29 -9.60 -21.20
N GLN A 210 -5.37 -9.08 -22.02
CA GLN A 210 -4.00 -8.87 -21.56
C GLN A 210 -3.90 -7.81 -20.48
N LYS A 211 -4.91 -6.94 -20.36
CA LYS A 211 -4.88 -5.92 -19.33
C LYS A 211 -5.63 -6.33 -18.07
N TRP A 212 -6.67 -7.15 -18.21
CA TRP A 212 -7.37 -7.66 -17.03
C TRP A 212 -6.43 -8.44 -16.13
N PHE A 213 -5.59 -9.28 -16.71
CA PHE A 213 -4.73 -10.16 -15.93
C PHE A 213 -3.68 -9.41 -15.12
N GLN A 214 -3.47 -8.12 -15.42
CA GLN A 214 -2.59 -7.33 -14.58
C GLN A 214 -3.13 -7.23 -13.16
N CYS A 215 -4.46 -7.31 -13.01
CA CYS A 215 -5.10 -7.13 -11.73
C CYS A 215 -5.21 -8.43 -10.94
N PHE A 216 -4.67 -9.52 -11.47
CA PHE A 216 -4.96 -10.86 -10.99
C PHE A 216 -3.71 -11.66 -10.64
N ASP A 217 -2.71 -11.02 -10.04
CA ASP A 217 -1.52 -11.73 -9.61
C ASP A 217 -1.39 -11.83 -8.10
N GLY A 218 -2.50 -11.68 -7.38
CA GLY A 218 -2.58 -12.09 -5.99
C GLY A 218 -3.32 -13.40 -5.87
N ILE A 219 -3.29 -14.18 -6.95
CA ILE A 219 -4.08 -15.41 -7.06
C ILE A 219 -3.21 -16.61 -6.74
N THR A 220 -3.88 -17.67 -6.27
CA THR A 220 -3.24 -18.91 -5.90
C THR A 220 -3.55 -20.06 -6.84
N SER A 221 -4.59 -19.96 -7.67
CA SER A 221 -4.65 -20.94 -8.75
C SER A 221 -5.48 -20.45 -9.93
N ILE A 222 -5.42 -21.24 -11.02
CA ILE A 222 -6.29 -21.07 -12.18
C ILE A 222 -6.95 -22.40 -12.51
N LEU A 223 -8.26 -22.39 -12.67
CA LEU A 223 -8.99 -23.57 -13.09
C LEU A 223 -9.30 -23.46 -14.56
N PHE A 224 -9.25 -24.58 -15.27
CA PHE A 224 -9.88 -24.69 -16.58
C PHE A 224 -10.96 -25.75 -16.58
N MET A 225 -12.16 -25.33 -16.93
CA MET A 225 -13.30 -26.22 -17.06
C MET A 225 -13.26 -26.78 -18.48
N VAL A 226 -12.78 -28.00 -18.64
CA VAL A 226 -12.68 -28.60 -19.96
C VAL A 226 -13.49 -29.88 -19.97
N ASP A 227 -14.44 -29.97 -20.91
CA ASP A 227 -15.27 -31.14 -21.07
C ASP A 227 -14.47 -32.27 -21.68
N SER A 228 -14.43 -33.41 -21.01
CA SER A 228 -13.62 -34.54 -21.45
C SER A 228 -14.18 -35.20 -22.71
N SER A 229 -15.43 -34.94 -23.06
CA SER A 229 -16.11 -35.64 -24.15
C SER A 229 -16.09 -34.76 -25.41
N ASP A 230 -14.90 -34.61 -26.00
CA ASP A 230 -14.81 -33.97 -27.31
C ASP A 230 -14.16 -34.88 -28.36
N ASN A 232 -11.51 -29.94 -33.34
CA ASN A 232 -12.43 -30.33 -32.28
C ASN A 232 -12.26 -29.44 -31.07
N ARG A 233 -13.09 -29.67 -30.05
CA ARG A 233 -13.04 -28.81 -28.87
C ARG A 233 -11.77 -29.01 -28.06
N LEU A 234 -11.11 -30.16 -28.16
CA LEU A 234 -9.85 -30.34 -27.46
C LEU A 234 -8.80 -29.37 -27.99
N VAL A 235 -8.78 -29.14 -29.29
CA VAL A 235 -7.83 -28.19 -29.86
C VAL A 235 -8.10 -26.79 -29.33
N GLU A 236 -9.38 -26.40 -29.32
CA GLU A 236 -9.73 -25.05 -28.87
C GLU A 236 -9.34 -24.87 -27.41
N SER A 237 -9.69 -25.83 -26.58
CA SER A 237 -9.38 -25.74 -25.16
C SER A 237 -7.88 -25.70 -24.94
N MET A 238 -7.11 -26.49 -25.68
CA MET A 238 -5.68 -26.50 -25.39
C MET A 238 -5.00 -25.27 -25.97
N ASN A 239 -5.54 -24.67 -27.02
CA ASN A 239 -5.05 -23.36 -27.42
C ASN A 239 -5.27 -22.33 -26.32
N ASP A 240 -6.48 -22.30 -25.74
CA ASP A 240 -6.74 -21.36 -24.65
C ASP A 240 -5.82 -21.62 -23.47
N PHE A 241 -5.63 -22.90 -23.11
CA PHE A 241 -4.76 -23.24 -22.00
C PHE A 241 -3.33 -22.83 -22.28
N GLU A 242 -2.87 -23.01 -23.52
CA GLU A 242 -1.52 -22.58 -23.85
C GLU A 242 -1.38 -21.08 -23.66
N THR A 243 -2.40 -20.33 -24.05
CA THR A 243 -2.35 -18.88 -23.86
C THR A 243 -2.26 -18.52 -22.37
N ILE A 244 -3.04 -19.20 -21.54
CA ILE A 244 -3.13 -18.79 -20.14
C ILE A 244 -1.96 -19.33 -19.32
N VAL A 245 -1.48 -20.53 -19.64
CA VAL A 245 -0.57 -21.27 -18.75
C VAL A 245 0.77 -20.56 -18.63
N ASN A 246 1.24 -19.95 -19.70
CA ASN A 246 2.58 -19.39 -19.72
C ASN A 246 2.60 -17.89 -19.55
N ASN A 247 1.49 -17.28 -19.13
CA ASN A 247 1.48 -15.83 -18.94
C ASN A 247 2.45 -15.44 -17.84
N LYS A 248 3.23 -14.38 -18.09
CA LYS A 248 4.28 -13.99 -17.16
C LYS A 248 3.70 -13.61 -15.81
N LEU A 249 2.59 -12.88 -15.80
CA LEU A 249 1.96 -12.47 -14.55
C LEU A 249 1.51 -13.67 -13.72
N PHE A 250 1.29 -14.83 -14.35
CA PHE A 250 0.86 -16.03 -13.66
C PHE A 250 2.01 -16.98 -13.43
N PHE A 251 3.24 -16.46 -13.37
CA PHE A 251 4.41 -17.33 -13.28
C PHE A 251 4.36 -18.14 -12.00
N ASN A 252 3.98 -17.53 -10.88
CA ASN A 252 3.94 -18.18 -9.59
C ASN A 252 2.57 -18.74 -9.23
N VAL A 253 1.75 -19.08 -10.23
CA VAL A 253 0.37 -19.48 -10.02
C VAL A 253 0.19 -20.92 -10.46
N SER A 254 -0.31 -21.75 -9.56
CA SER A 254 -0.55 -23.13 -9.91
C SER A 254 -1.80 -23.25 -10.76
N ILE A 255 -1.88 -24.34 -11.50
CA ILE A 255 -2.94 -24.53 -12.47
C ILE A 255 -3.60 -25.87 -12.26
N ILE A 256 -4.92 -25.84 -12.14
CA ILE A 256 -5.74 -27.02 -11.97
C ILE A 256 -6.58 -27.16 -13.24
N LEU A 257 -6.53 -28.32 -13.85
CA LEU A 257 -7.36 -28.61 -15.02
C LEU A 257 -8.50 -29.51 -14.59
N PHE A 258 -9.69 -28.92 -14.44
CA PHE A 258 -10.89 -29.67 -14.11
C PHE A 258 -11.48 -30.26 -15.38
N LEU A 259 -11.43 -31.58 -15.49
CA LEU A 259 -12.01 -32.31 -16.61
C LEU A 259 -13.43 -32.71 -16.23
N ASN A 260 -14.38 -32.40 -17.11
CA ASN A 260 -15.80 -32.53 -16.80
C ASN A 260 -16.46 -33.63 -17.64
N LYS A 261 -17.53 -34.20 -17.08
CA LYS A 261 -18.40 -35.16 -17.77
C LYS A 261 -17.63 -36.39 -18.24
N MET A 262 -16.90 -37.02 -17.30
CA MET A 262 -16.19 -38.24 -17.64
C MET A 262 -17.15 -39.38 -17.97
N ASP A 263 -18.38 -39.33 -17.45
CA ASP A 263 -19.40 -40.26 -17.92
C ASP A 263 -19.68 -40.07 -19.40
N LEU A 264 -19.80 -38.82 -19.85
CA LEU A 264 -19.92 -38.57 -21.27
C LEU A 264 -18.65 -38.99 -22.01
N LEU A 265 -17.50 -38.93 -21.35
CA LEU A 265 -16.27 -39.39 -22.00
C LEU A 265 -16.32 -40.89 -22.26
N VAL A 266 -16.76 -41.68 -21.27
CA VAL A 266 -16.85 -43.11 -21.53
C VAL A 266 -17.97 -43.40 -22.52
N GLU A 267 -19.00 -42.54 -22.55
CA GLU A 267 -20.05 -42.73 -23.55
C GLU A 267 -19.51 -42.55 -24.96
N LYS A 268 -18.66 -41.56 -25.17
CA LYS A 268 -18.00 -41.36 -26.46
C LYS A 268 -16.80 -42.29 -26.67
N VAL A 269 -16.38 -43.01 -25.64
CA VAL A 269 -15.42 -44.10 -25.79
C VAL A 269 -16.11 -45.36 -26.31
N LYS A 270 -17.31 -45.63 -25.83
CA LYS A 270 -18.07 -46.78 -26.33
C LYS A 270 -18.37 -46.63 -27.82
N THR A 271 -18.72 -45.42 -28.25
CA THR A 271 -18.83 -45.08 -29.67
C THR A 271 -17.61 -44.24 -30.00
N VAL A 272 -16.52 -44.89 -30.40
CA VAL A 272 -15.20 -44.29 -30.40
C VAL A 272 -15.18 -43.07 -31.31
N SER A 273 -14.81 -41.93 -30.74
CA SER A 273 -14.50 -40.73 -31.51
C SER A 273 -12.99 -40.65 -31.69
N ILE A 274 -12.52 -40.83 -32.92
CA ILE A 274 -11.11 -41.04 -33.18
C ILE A 274 -10.47 -39.72 -33.63
N LYS A 275 -9.52 -39.25 -32.83
CA LYS A 275 -8.69 -38.10 -33.21
C LYS A 275 -7.36 -38.65 -33.74
N LYS A 276 -7.12 -38.47 -35.03
CA LYS A 276 -5.99 -39.10 -35.70
C LYS A 276 -4.97 -38.05 -36.11
N HIS A 277 -4.79 -36.99 -35.34
CA HIS A 277 -3.89 -35.91 -35.73
C HIS A 277 -2.61 -35.86 -34.91
N PHE A 278 -2.22 -36.97 -34.28
CA PHE A 278 -1.05 -36.95 -33.42
C PHE A 278 -0.63 -38.38 -33.16
N PRO A 279 0.66 -38.66 -32.96
CA PRO A 279 1.08 -40.05 -32.72
C PRO A 279 0.63 -40.59 -31.36
N ASP A 280 -0.63 -40.35 -31.02
CA ASP A 280 -1.18 -40.84 -29.76
C ASP A 280 -2.49 -41.57 -29.96
N PHE A 281 -2.91 -41.81 -31.20
CA PHE A 281 -4.09 -42.63 -31.44
C PHE A 281 -3.86 -44.08 -31.02
N ARG A 282 -2.62 -44.44 -30.72
CA ARG A 282 -2.30 -45.79 -30.29
C ARG A 282 -3.00 -46.06 -28.97
N GLY A 283 -4.06 -46.85 -29.02
CA GLY A 283 -4.96 -47.03 -27.92
C GLY A 283 -6.23 -46.22 -27.98
N ASP A 284 -6.43 -45.44 -29.04
CA ASP A 284 -7.59 -44.57 -29.09
C ASP A 284 -8.90 -45.37 -29.10
N PRO A 285 -9.08 -46.39 -29.95
CA PRO A 285 -10.30 -47.20 -29.79
C PRO A 285 -10.13 -48.28 -28.74
N HIS A 286 -9.97 -47.87 -27.49
CA HIS A 286 -9.68 -48.79 -26.41
C HIS A 286 -10.30 -48.26 -25.14
N ARG A 287 -9.83 -48.77 -24.00
CA ARG A 287 -10.40 -48.43 -22.71
C ARG A 287 -10.30 -46.93 -22.46
N LEU A 288 -11.14 -46.44 -21.56
CA LEU A 288 -11.20 -45.00 -21.30
C LEU A 288 -9.90 -44.47 -20.74
N GLU A 289 -9.15 -45.29 -20.02
CA GLU A 289 -7.95 -44.81 -19.32
C GLU A 289 -6.92 -44.26 -20.29
N ASP A 290 -6.69 -44.93 -21.41
CA ASP A 290 -5.78 -44.41 -22.41
C ASP A 290 -6.28 -43.07 -22.95
N VAL A 291 -7.59 -42.97 -23.18
CA VAL A 291 -8.16 -41.73 -23.69
C VAL A 291 -7.94 -40.59 -22.71
N GLN A 292 -8.18 -40.86 -21.42
CA GLN A 292 -7.97 -39.85 -20.40
C GLN A 292 -6.51 -39.45 -20.33
N ARG A 293 -5.60 -40.43 -20.40
CA ARG A 293 -4.18 -40.12 -20.36
C ARG A 293 -3.78 -39.23 -21.53
N TYR A 294 -4.30 -39.53 -22.72
CA TYR A 294 -3.99 -38.71 -23.88
C TYR A 294 -4.52 -37.29 -23.70
N LEU A 295 -5.74 -37.16 -23.20
CA LEU A 295 -6.31 -35.83 -22.99
C LEU A 295 -5.53 -35.04 -21.96
N VAL A 296 -5.17 -35.69 -20.84
CA VAL A 296 -4.47 -35.00 -19.77
C VAL A 296 -3.08 -34.59 -20.22
N GLN A 297 -2.45 -35.42 -21.04
CA GLN A 297 -1.20 -35.02 -21.67
C GLN A 297 -1.41 -33.82 -22.59
N CYS A 298 -2.50 -33.81 -23.35
CA CYS A 298 -2.77 -32.70 -24.24
C CYS A 298 -2.80 -31.35 -23.52
N PHE A 299 -3.18 -31.32 -22.25
CA PHE A 299 -3.09 -30.09 -21.46
C PHE A 299 -1.75 -29.97 -20.78
N ASP A 300 -1.16 -31.09 -20.37
CA ASP A 300 0.26 -31.05 -20.07
C ASP A 300 1.02 -30.53 -21.27
N ARG A 301 0.61 -30.94 -22.47
CA ARG A 301 1.14 -30.36 -23.68
C ARG A 301 0.83 -28.87 -23.71
N LYS A 302 1.73 -28.11 -24.32
CA LYS A 302 1.71 -26.65 -24.42
C LYS A 302 1.93 -25.94 -23.10
N ARG A 303 2.68 -26.53 -22.18
CA ARG A 303 3.14 -25.83 -20.99
C ARG A 303 4.64 -25.58 -21.08
N ARG A 304 5.07 -24.37 -20.72
CA ARG A 304 6.47 -23.98 -20.82
C ARG A 304 7.07 -23.53 -19.50
N ASN A 305 6.33 -23.61 -18.40
CA ASN A 305 6.85 -23.20 -17.08
C ASN A 305 6.39 -24.25 -16.08
N ARG A 306 7.20 -25.29 -15.91
CA ARG A 306 6.84 -26.43 -15.09
C ARG A 306 7.41 -26.21 -13.67
N SER A 307 7.50 -27.23 -12.82
CA SER A 307 7.93 -27.14 -11.40
C SER A 307 6.73 -26.83 -10.51
N LYS A 308 5.63 -26.41 -11.08
CA LYS A 308 4.37 -26.34 -10.32
C LYS A 308 3.33 -27.22 -11.04
N PRO A 309 3.17 -28.47 -10.64
CA PRO A 309 2.47 -29.43 -11.48
C PRO A 309 0.98 -29.11 -11.63
N LEU A 310 0.42 -29.62 -12.72
CA LEU A 310 -0.99 -29.46 -13.02
C LEU A 310 -1.78 -30.48 -12.22
N PHE A 311 -2.67 -30.00 -11.35
CA PHE A 311 -3.41 -30.87 -10.43
C PHE A 311 -4.64 -31.42 -11.11
N HIS A 312 -4.42 -32.32 -12.04
CA HIS A 312 -5.49 -32.83 -12.90
C HIS A 312 -6.49 -33.64 -12.09
N HIS A 313 -7.76 -33.47 -12.42
CA HIS A 313 -8.81 -34.25 -11.79
C HIS A 313 -9.76 -34.76 -12.87
N PHE A 314 -10.37 -35.89 -12.59
CA PHE A 314 -11.41 -36.44 -13.44
C PHE A 314 -12.75 -36.27 -12.72
N THR A 315 -13.54 -35.29 -13.14
CA THR A 315 -14.63 -34.79 -12.32
C THR A 315 -15.97 -35.38 -12.73
N THR A 316 -16.82 -35.56 -11.71
CA THR A 316 -18.15 -36.14 -11.84
C THR A 316 -19.16 -35.20 -11.18
N SER A 317 -20.37 -35.71 -10.99
CA SER A 317 -21.47 -34.91 -10.44
C SER A 317 -21.47 -34.84 -8.91
N ILE A 318 -20.57 -35.55 -8.22
CA ILE A 318 -20.53 -35.46 -6.77
C ILE A 318 -19.63 -34.28 -6.38
N ASP A 319 -20.06 -33.51 -5.39
CA ASP A 319 -19.50 -32.17 -5.20
C ASP A 319 -18.47 -32.14 -4.07
N THR A 320 -18.63 -33.02 -3.07
CA THR A 320 -17.70 -33.04 -1.95
C THR A 320 -16.28 -33.32 -2.43
N GLU A 321 -16.12 -34.28 -3.33
CA GLU A 321 -14.80 -34.59 -3.85
C GLU A 321 -14.26 -33.44 -4.69
N ASN A 322 -15.14 -32.72 -5.36
CA ASN A 322 -14.72 -31.54 -6.12
C ASN A 322 -14.12 -30.49 -5.19
N ALA A 323 -14.84 -30.16 -4.11
CA ALA A 323 -14.33 -29.20 -3.15
C ALA A 323 -13.03 -29.68 -2.52
N ARG A 324 -12.95 -30.98 -2.26
CA ARG A 324 -11.71 -31.54 -1.73
C ARG A 324 -10.55 -31.34 -2.70
N PHE A 325 -10.79 -31.58 -3.99
CA PHE A 325 -9.75 -31.40 -4.98
C PHE A 325 -9.24 -29.99 -4.95
N ILE A 326 -10.16 -29.02 -4.94
CA ILE A 326 -9.77 -27.63 -4.95
C ILE A 326 -8.96 -27.28 -3.72
N PHE A 327 -9.45 -27.69 -2.55
CA PHE A 327 -8.76 -27.36 -1.31
C PHE A 327 -7.36 -27.96 -1.27
N HIS A 328 -7.24 -29.24 -1.64
CA HIS A 328 -5.96 -29.93 -1.57
C HIS A 328 -4.96 -29.31 -2.54
N ALA A 329 -5.43 -28.95 -3.74
CA ALA A 329 -4.52 -28.34 -4.70
C ALA A 329 -4.02 -27.01 -4.21
N VAL A 330 -4.91 -26.18 -3.67
CA VAL A 330 -4.47 -24.87 -3.21
C VAL A 330 -3.51 -25.00 -2.03
N LYS A 331 -3.79 -25.94 -1.13
CA LYS A 331 -2.90 -26.15 0.02
C LYS A 331 -1.53 -26.59 -0.40
N ASP A 332 -1.44 -27.54 -1.34
CA ASP A 332 -0.13 -27.98 -1.80
C ASP A 332 0.61 -26.84 -2.49
N THR A 333 -0.10 -26.01 -3.26
CA THR A 333 0.55 -24.86 -3.87
C THR A 333 1.18 -23.96 -2.82
N ILE A 334 0.44 -23.65 -1.76
CA ILE A 334 0.97 -22.73 -0.75
C ILE A 334 2.12 -23.36 0.03
N LEU A 335 2.02 -24.66 0.35
CA LEU A 335 3.12 -25.36 1.01
C LEU A 335 4.39 -25.30 0.18
N GLN A 336 4.29 -25.64 -1.09
CA GLN A 336 5.47 -25.61 -1.95
C GLN A 336 6.05 -24.22 -2.06
N GLU A 337 5.22 -23.19 -2.19
CA GLU A 337 5.76 -21.84 -2.27
C GLU A 337 6.44 -21.42 -0.97
N ASN A 338 5.84 -21.77 0.18
CA ASN A 338 6.45 -21.43 1.45
C ASN A 338 7.82 -22.07 1.60
N LEU A 339 7.91 -23.37 1.31
CA LEU A 339 9.17 -24.07 1.47
C LEU A 339 10.20 -23.61 0.45
N LYS A 340 9.79 -23.38 -0.78
CA LYS A 340 10.75 -22.92 -1.78
C LYS A 340 11.25 -21.53 -1.45
N ASP A 341 10.41 -20.70 -0.82
CA ASP A 341 10.88 -19.35 -0.54
C ASP A 341 11.55 -19.28 0.82
N ILE A 342 11.47 -20.35 1.61
CA ILE A 342 12.24 -20.49 2.84
C ILE A 342 13.48 -21.34 2.61
N MET A 343 13.66 -21.85 1.40
CA MET A 343 14.77 -22.71 1.03
C MET A 343 14.89 -23.96 1.91
N LEU A 344 13.75 -24.59 2.12
CA LEU A 344 13.72 -25.97 2.58
C LEU A 344 14.22 -26.13 4.01
N GLU B 8 -15.03 -0.42 -54.58
CA GLU B 8 -15.18 0.93 -54.07
C GLU B 8 -14.33 1.14 -52.83
N LEU B 9 -14.22 0.10 -52.01
CA LEU B 9 -13.50 0.22 -50.74
C LEU B 9 -12.03 0.54 -50.97
N ASP B 10 -11.45 -0.03 -52.03
CA ASP B 10 -10.05 0.23 -52.35
C ASP B 10 -9.80 1.71 -52.61
N GLN B 11 -10.79 2.42 -53.17
CA GLN B 11 -10.63 3.85 -53.40
C GLN B 11 -10.46 4.61 -52.10
N LEU B 12 -11.31 4.34 -51.12
CA LEU B 12 -11.19 5.02 -49.82
C LEU B 12 -9.91 4.62 -49.12
N ARG B 13 -9.51 3.34 -49.21
CA ARG B 13 -8.26 2.92 -48.59
C ARG B 13 -7.06 3.63 -49.20
N GLN B 14 -7.03 3.76 -50.53
CA GLN B 14 -5.92 4.45 -51.17
C GLN B 14 -5.93 5.94 -50.85
N GLU B 15 -7.11 6.55 -50.75
CA GLU B 15 -7.17 7.95 -50.34
C GLU B 15 -6.61 8.11 -48.93
N ALA B 16 -6.94 7.18 -48.03
CA ALA B 16 -6.40 7.22 -46.68
C ALA B 16 -4.88 7.09 -46.69
N GLU B 17 -4.35 6.19 -47.52
CA GLU B 17 -2.90 6.04 -47.61
C GLU B 17 -2.24 7.30 -48.15
N GLN B 18 -2.84 7.93 -49.16
CA GLN B 18 -2.28 9.17 -49.68
C GLN B 18 -2.29 10.27 -48.63
N LEU B 19 -3.37 10.38 -47.87
CA LEU B 19 -3.44 11.40 -46.82
C LEU B 19 -2.41 11.12 -45.73
N LYS B 20 -2.21 9.85 -45.39
CA LYS B 20 -1.19 9.51 -44.41
C LYS B 20 0.19 9.91 -44.91
N ASN B 21 0.45 9.69 -46.19
CA ASN B 21 1.72 10.11 -46.78
C ASN B 21 1.88 11.62 -46.72
N GLN B 22 0.81 12.37 -47.00
CA GLN B 22 0.88 13.82 -46.89
C GLN B 22 1.21 14.24 -45.47
N ILE B 23 0.58 13.59 -44.48
CA ILE B 23 0.84 13.92 -43.08
C ILE B 23 2.30 13.66 -42.74
N ARG B 24 2.82 12.51 -43.17
CA ARG B 24 4.21 12.17 -42.88
C ARG B 24 5.16 13.17 -43.53
N ASP B 25 4.90 13.53 -44.78
CA ASP B 25 5.77 14.49 -45.48
C ASP B 25 5.72 15.86 -44.83
N ALA B 26 4.53 16.32 -44.44
CA ALA B 26 4.41 17.61 -43.80
C ALA B 26 5.10 17.64 -42.45
N ARG B 27 5.04 16.53 -41.70
CA ARG B 27 5.75 16.48 -40.43
C ARG B 27 7.26 16.48 -40.66
N LYS B 28 7.73 15.79 -41.70
CA LYS B 28 9.15 15.83 -42.02
C LYS B 28 9.58 17.24 -42.41
N ALA B 29 8.76 17.94 -43.18
CA ALA B 29 9.13 19.26 -43.68
C ALA B 29 9.36 20.28 -42.57
N CYS B 30 8.74 20.08 -41.41
CA CYS B 30 8.92 20.99 -40.30
C CYS B 30 10.06 20.59 -39.38
N ALA B 31 10.66 19.41 -39.58
CA ALA B 31 11.72 18.90 -38.72
C ALA B 31 13.08 19.42 -39.20
N ASP B 32 13.26 20.72 -39.05
CA ASP B 32 14.53 21.34 -39.44
C ASP B 32 15.63 21.04 -38.44
N ALA B 33 15.36 21.13 -37.14
CA ALA B 33 16.37 20.94 -36.12
C ALA B 33 15.73 20.31 -34.89
N THR B 34 16.51 19.56 -34.13
CA THR B 34 15.98 18.84 -32.99
C THR B 34 16.20 19.60 -31.70
N LEU B 35 15.47 19.18 -30.65
CA LEU B 35 15.64 19.79 -29.35
C LEU B 35 17.02 19.49 -28.79
N SER B 36 17.61 18.36 -29.17
CA SER B 36 18.93 18.00 -28.66
C SER B 36 20.04 18.85 -29.26
N GLN B 37 19.89 19.26 -30.52
CA GLN B 37 20.86 20.13 -31.17
C GLN B 37 20.76 21.56 -30.68
N ILE B 38 19.67 21.91 -30.01
CA ILE B 38 19.45 23.27 -29.55
C ILE B 38 19.76 23.40 -28.07
N THR B 39 19.61 22.32 -27.32
CA THR B 39 19.87 22.32 -25.88
C THR B 39 21.19 21.66 -25.53
N ASN B 40 22.02 21.27 -26.51
CA ASN B 40 23.34 20.76 -26.16
C ASN B 40 24.24 21.86 -25.64
N ASN B 41 23.80 23.11 -25.70
CA ASN B 41 24.55 24.25 -25.21
C ASN B 41 23.98 24.81 -23.91
N ILE B 42 22.95 24.21 -23.34
CA ILE B 42 22.33 24.76 -22.14
C ILE B 42 22.86 23.98 -20.94
N ASP B 43 22.76 24.61 -19.79
CA ASP B 43 23.42 24.06 -18.62
C ASP B 43 22.80 22.73 -18.23
N PRO B 44 23.59 21.72 -17.90
CA PRO B 44 23.03 20.47 -17.43
C PRO B 44 22.23 20.70 -16.17
N VAL B 45 21.16 19.92 -16.01
CA VAL B 45 20.26 20.14 -14.90
C VAL B 45 20.89 19.68 -13.62
N GLY B 46 21.89 18.82 -13.69
CA GLY B 46 22.69 18.49 -12.53
C GLY B 46 22.30 17.18 -11.89
N ARG B 47 22.93 16.92 -10.77
CA ARG B 47 22.68 15.70 -10.01
C ARG B 47 21.47 15.96 -9.13
N ILE B 48 20.29 15.62 -9.62
CA ILE B 48 19.04 15.83 -8.91
C ILE B 48 18.72 14.56 -8.16
N GLN B 49 18.93 14.57 -6.86
CA GLN B 49 18.62 13.42 -6.04
C GLN B 49 17.84 13.88 -4.84
N MET B 50 16.52 13.76 -4.89
CA MET B 50 15.70 14.12 -3.77
C MET B 50 15.28 12.88 -3.04
N ARG B 51 14.92 13.04 -1.77
CA ARG B 51 14.76 11.95 -0.83
C ARG B 51 13.30 11.67 -0.54
N THR B 52 13.06 10.53 0.08
CA THR B 52 11.77 10.24 0.67
C THR B 52 11.55 11.11 1.90
N ARG B 53 10.59 12.02 1.82
CA ARG B 53 10.17 12.78 2.97
C ARG B 53 9.06 12.09 3.75
N ARG B 54 8.05 11.61 3.06
CA ARG B 54 6.98 10.86 3.68
C ARG B 54 6.82 9.52 3.00
N THR B 55 6.48 8.52 3.80
CA THR B 55 6.11 7.21 3.31
C THR B 55 4.68 6.95 3.71
N LEU B 56 3.77 7.21 2.79
CA LEU B 56 2.35 7.09 3.05
C LEU B 56 1.97 5.63 2.91
N ARG B 57 1.78 4.96 4.04
CA ARG B 57 1.45 3.55 4.06
C ARG B 57 0.17 3.32 4.82
N GLY B 58 -0.49 2.22 4.49
CA GLY B 58 -1.83 1.98 5.02
C GLY B 58 -2.67 1.20 4.05
N HIS B 59 -2.39 1.29 2.76
CA HIS B 59 -3.10 0.47 1.80
C HIS B 59 -2.78 -1.00 2.01
N LEU B 60 -3.74 -1.85 1.69
CA LEU B 60 -3.63 -3.25 2.03
C LEU B 60 -3.11 -4.08 0.87
N ALA B 61 -2.95 -3.48 -0.30
CA ALA B 61 -2.56 -4.16 -1.50
C ALA B 61 -1.92 -3.14 -2.44
N LYS B 62 -1.94 -3.45 -3.73
CA LYS B 62 -1.31 -2.59 -4.71
C LYS B 62 -2.10 -1.32 -4.96
N ILE B 63 -1.38 -0.20 -5.13
CA ILE B 63 -1.98 1.07 -5.52
C ILE B 63 -1.94 1.18 -7.03
N TYR B 64 -3.10 1.45 -7.64
CA TYR B 64 -3.18 1.63 -9.07
C TYR B 64 -3.20 3.07 -9.52
N ALA B 65 -3.69 3.99 -8.70
CA ALA B 65 -3.67 5.39 -9.09
C ALA B 65 -3.56 6.27 -7.87
N MET B 66 -2.97 7.44 -8.09
CA MET B 66 -2.93 8.53 -7.14
C MET B 66 -3.23 9.81 -7.87
N HIS B 67 -3.71 10.81 -7.14
CA HIS B 67 -3.94 12.10 -7.79
C HIS B 67 -3.84 13.16 -6.71
N TRP B 68 -3.28 14.30 -7.08
CA TRP B 68 -3.07 15.39 -6.13
C TRP B 68 -4.25 16.34 -6.12
N GLY B 69 -4.30 17.18 -5.10
CA GLY B 69 -5.25 18.27 -5.07
C GLY B 69 -4.67 19.51 -5.69
N THR B 70 -5.55 20.47 -5.95
CA THR B 70 -5.06 21.74 -6.44
C THR B 70 -4.38 22.54 -5.35
N ASP B 71 -4.63 22.20 -4.09
CA ASP B 71 -3.98 22.86 -2.97
C ASP B 71 -2.60 22.31 -2.69
N SER B 72 -2.18 21.29 -3.41
CA SER B 72 -0.87 20.67 -3.27
C SER B 72 -0.66 19.99 -1.93
N ARG B 73 -1.71 19.65 -1.22
CA ARG B 73 -1.52 19.01 0.07
C ARG B 73 -2.27 17.71 0.21
N LEU B 74 -3.50 17.64 -0.29
CA LEU B 74 -4.29 16.43 -0.17
C LEU B 74 -4.05 15.51 -1.36
N LEU B 75 -4.27 14.22 -1.15
CA LEU B 75 -3.85 13.21 -2.11
C LEU B 75 -4.78 12.00 -2.07
N VAL B 76 -5.35 11.63 -3.23
CA VAL B 76 -6.26 10.49 -3.31
C VAL B 76 -5.50 9.31 -3.91
N SER B 77 -5.73 8.10 -3.36
CA SER B 77 -5.11 6.89 -3.89
C SER B 77 -6.08 5.72 -3.91
N ALA B 78 -6.15 5.05 -5.05
CA ALA B 78 -7.04 3.93 -5.29
C ALA B 78 -6.23 2.65 -5.31
N SER B 79 -6.70 1.63 -4.60
CA SER B 79 -5.94 0.39 -4.51
C SER B 79 -6.85 -0.79 -4.77
N GLN B 80 -6.23 -1.90 -5.16
CA GLN B 80 -6.93 -3.15 -5.37
C GLN B 80 -7.67 -3.61 -4.12
N ASP B 81 -7.50 -2.91 -3.00
CA ASP B 81 -8.23 -3.22 -1.80
C ASP B 81 -9.72 -3.03 -1.96
N GLY B 82 -10.16 -2.33 -3.01
CA GLY B 82 -11.48 -1.77 -3.02
C GLY B 82 -11.56 -0.52 -2.19
N LYS B 83 -10.43 0.13 -1.94
CA LYS B 83 -10.39 1.33 -1.12
C LYS B 83 -9.75 2.50 -1.83
N LEU B 84 -10.14 3.67 -1.37
CA LEU B 84 -9.70 4.95 -1.90
C LEU B 84 -9.41 5.85 -0.71
N ILE B 85 -8.13 6.09 -0.44
CA ILE B 85 -7.70 6.81 0.75
C ILE B 85 -7.30 8.23 0.37
N ILE B 86 -7.82 9.21 1.10
CA ILE B 86 -7.38 10.59 0.97
C ILE B 86 -6.45 10.90 2.13
N TRP B 87 -5.22 11.25 1.77
CA TRP B 87 -4.10 11.50 2.66
C TRP B 87 -3.80 12.98 2.74
N ASP B 88 -3.32 13.39 3.90
CA ASP B 88 -2.69 14.69 4.11
C ASP B 88 -1.20 14.47 3.95
N SER B 89 -0.65 14.89 2.82
CA SER B 89 0.75 14.64 2.52
C SER B 89 1.69 15.32 3.50
N TYR B 90 1.35 16.48 4.02
CA TYR B 90 2.24 17.17 4.94
C TYR B 90 2.36 16.44 6.26
N THR B 91 1.30 15.78 6.71
CA THR B 91 1.28 15.15 8.02
C THR B 91 1.12 13.64 7.98
N THR B 92 0.98 13.04 6.80
CA THR B 92 0.74 11.60 6.64
C THR B 92 -0.46 11.17 7.49
N ASN B 93 -1.50 11.98 7.42
CA ASN B 93 -2.77 11.67 8.02
C ASN B 93 -3.66 11.04 6.96
N LYS B 94 -4.60 10.22 7.40
CA LYS B 94 -5.67 9.79 6.51
C LYS B 94 -6.89 10.66 6.74
N VAL B 95 -7.20 11.48 5.75
CA VAL B 95 -8.40 12.28 5.77
C VAL B 95 -9.64 11.42 5.56
N HIS B 96 -9.57 10.47 4.64
CA HIS B 96 -10.73 9.64 4.34
C HIS B 96 -10.33 8.24 3.92
N ALA B 97 -11.23 7.29 4.15
CA ALA B 97 -11.17 5.97 3.55
C ALA B 97 -12.52 5.66 2.92
N ILE B 98 -12.53 5.47 1.61
CA ILE B 98 -13.74 5.25 0.82
C ILE B 98 -13.75 3.79 0.38
N PRO B 99 -14.66 2.97 0.89
CA PRO B 99 -14.78 1.61 0.39
C PRO B 99 -15.57 1.58 -0.90
N LEU B 100 -15.09 0.80 -1.86
CA LEU B 100 -15.67 0.74 -3.18
C LEU B 100 -16.46 -0.55 -3.39
N ARG B 101 -17.45 -0.47 -4.27
CA ARG B 101 -18.25 -1.63 -4.61
C ARG B 101 -17.49 -2.65 -5.44
N SER B 102 -16.35 -2.28 -6.00
CA SER B 102 -15.55 -3.19 -6.80
C SER B 102 -14.09 -3.04 -6.40
N SER B 103 -13.45 -4.16 -6.09
CA SER B 103 -12.05 -4.11 -5.67
C SER B 103 -11.11 -3.80 -6.82
N TRP B 104 -11.61 -3.80 -8.04
CA TRP B 104 -10.78 -3.60 -9.22
C TRP B 104 -10.93 -2.15 -9.68
N VAL B 105 -10.22 -1.28 -8.98
CA VAL B 105 -10.13 0.13 -9.32
C VAL B 105 -8.77 0.37 -9.99
N MET B 106 -8.82 0.98 -11.16
CA MET B 106 -7.64 1.27 -11.95
C MET B 106 -7.29 2.74 -12.00
N THR B 107 -8.23 3.63 -11.70
CA THR B 107 -7.97 5.06 -11.78
C THR B 107 -8.63 5.78 -10.62
N CYS B 108 -8.08 6.95 -10.30
CA CYS B 108 -8.63 7.85 -9.31
C CYS B 108 -8.43 9.27 -9.80
N ALA B 109 -9.35 10.15 -9.42
CA ALA B 109 -9.25 11.56 -9.73
C ALA B 109 -9.64 12.33 -8.50
N TYR B 110 -9.14 13.55 -8.38
CA TYR B 110 -9.46 14.39 -7.23
C TYR B 110 -9.97 15.68 -7.86
N ALA B 111 -11.17 16.09 -7.48
CA ALA B 111 -11.79 17.22 -8.18
C ALA B 111 -10.93 18.46 -7.97
N PRO B 112 -10.83 19.31 -9.00
CA PRO B 112 -9.97 20.49 -8.88
C PRO B 112 -10.41 21.44 -7.79
N SER B 113 -11.67 21.42 -7.40
CA SER B 113 -12.14 22.20 -6.26
C SER B 113 -12.05 21.42 -4.96
N GLY B 114 -11.75 20.14 -5.00
CA GLY B 114 -11.63 19.36 -3.79
C GLY B 114 -12.92 18.77 -3.28
N ASN B 115 -14.04 19.04 -3.95
CA ASN B 115 -15.31 18.53 -3.46
C ASN B 115 -15.50 17.06 -3.78
N TYR B 116 -15.03 16.59 -4.92
CA TYR B 116 -15.33 15.26 -5.40
C TYR B 116 -14.05 14.48 -5.67
N VAL B 117 -14.16 13.16 -5.61
CA VAL B 117 -13.14 12.27 -6.14
C VAL B 117 -13.84 11.31 -7.07
N ALA B 118 -13.06 10.52 -7.79
CA ALA B 118 -13.63 9.58 -8.74
C ALA B 118 -12.81 8.32 -8.76
N CYS B 119 -13.44 7.22 -9.16
CA CYS B 119 -12.76 5.95 -9.28
C CYS B 119 -13.46 5.14 -10.34
N GLY B 120 -12.92 3.96 -10.61
CA GLY B 120 -13.52 3.07 -11.56
C GLY B 120 -12.50 2.02 -11.96
N GLY B 121 -12.95 1.04 -12.73
CA GLY B 121 -12.04 0.02 -13.17
C GLY B 121 -12.70 -1.07 -13.97
N LEU B 122 -12.37 -2.33 -13.66
CA LEU B 122 -13.00 -3.45 -14.34
C LEU B 122 -14.50 -3.50 -14.10
N ASP B 123 -15.03 -2.63 -13.25
CA ASP B 123 -16.44 -2.58 -12.99
C ASP B 123 -17.20 -1.74 -14.01
N ASN B 124 -16.51 -1.22 -15.01
CA ASN B 124 -17.11 -0.59 -16.19
C ASN B 124 -17.70 0.77 -15.88
N ILE B 125 -17.87 1.11 -14.60
CA ILE B 125 -18.69 2.23 -14.15
C ILE B 125 -17.79 3.26 -13.50
N CYS B 126 -18.00 4.54 -13.81
CA CYS B 126 -17.21 5.66 -13.28
C CYS B 126 -17.90 6.22 -12.04
N SER B 127 -17.34 5.97 -10.87
CA SER B 127 -17.99 6.31 -9.62
C SER B 127 -17.47 7.65 -9.12
N ILE B 128 -18.37 8.61 -8.95
CA ILE B 128 -18.01 9.95 -8.49
C ILE B 128 -18.51 10.13 -7.07
N TYR B 129 -17.58 10.40 -6.17
CA TYR B 129 -17.81 10.47 -4.74
C TYR B 129 -17.79 11.90 -4.25
N ASN B 130 -18.78 12.23 -3.43
CA ASN B 130 -18.94 13.54 -2.84
C ASN B 130 -18.28 13.52 -1.47
N LEU B 131 -17.31 14.38 -1.28
CA LEU B 131 -16.59 14.47 -0.02
C LEU B 131 -17.21 15.46 0.95
N LYS B 132 -17.93 16.46 0.45
CA LYS B 132 -18.43 17.56 1.25
C LYS B 132 -19.92 17.37 1.41
N THR B 133 -20.31 16.58 2.40
CA THR B 133 -21.71 16.37 2.69
C THR B 133 -21.99 16.75 4.14
N ARG B 134 -23.16 17.34 4.37
CA ARG B 134 -23.56 17.66 5.73
C ARG B 134 -23.74 16.42 6.59
N GLU B 135 -23.91 15.26 5.96
CA GLU B 135 -24.01 14.01 6.69
C GLU B 135 -22.68 13.50 7.19
N GLY B 136 -21.58 14.12 6.77
CA GLY B 136 -20.27 13.79 7.28
C GLY B 136 -19.64 12.54 6.74
N ASN B 137 -20.14 12.06 5.61
CA ASN B 137 -19.69 10.79 5.02
C ASN B 137 -19.51 10.99 3.53
N VAL B 138 -18.46 10.43 2.98
CA VAL B 138 -18.30 10.38 1.53
C VAL B 138 -19.30 9.38 0.97
N ARG B 139 -20.08 9.81 -0.02
CA ARG B 139 -21.12 8.97 -0.58
C ARG B 139 -21.06 9.02 -2.09
N VAL B 140 -21.55 7.95 -2.72
CA VAL B 140 -21.51 7.84 -4.17
C VAL B 140 -22.46 8.88 -4.75
N SER B 141 -21.89 9.98 -5.23
CA SER B 141 -22.73 11.05 -5.75
C SER B 141 -23.27 10.70 -7.11
N ARG B 142 -22.53 9.89 -7.86
CA ARG B 142 -23.08 9.36 -9.10
C ARG B 142 -22.29 8.14 -9.51
N GLU B 143 -22.96 7.24 -10.21
CA GLU B 143 -22.31 6.15 -10.92
C GLU B 143 -22.59 6.33 -12.40
N LEU B 144 -21.60 6.82 -13.13
CA LEU B 144 -21.73 7.09 -14.56
C LEU B 144 -21.55 5.78 -15.30
N ALA B 145 -22.55 5.42 -16.09
CA ALA B 145 -22.60 4.14 -16.77
C ALA B 145 -22.58 4.42 -18.26
N GLY B 146 -22.08 3.47 -19.03
CA GLY B 146 -22.04 3.64 -20.46
C GLY B 146 -20.80 3.10 -21.12
N HIS B 147 -19.85 2.61 -20.33
CA HIS B 147 -18.68 2.00 -20.92
C HIS B 147 -18.86 0.50 -20.99
N THR B 148 -18.28 -0.10 -22.01
CA THR B 148 -18.38 -1.53 -22.21
C THR B 148 -17.25 -2.29 -21.54
N GLY B 149 -16.08 -1.69 -21.42
CA GLY B 149 -14.96 -2.31 -20.74
C GLY B 149 -14.54 -1.56 -19.50
N TYR B 150 -13.34 -1.87 -19.05
CA TYR B 150 -12.81 -1.27 -17.84
C TYR B 150 -12.55 0.21 -18.03
N LEU B 151 -12.66 0.95 -16.94
CA LEU B 151 -12.44 2.39 -16.96
C LEU B 151 -10.97 2.65 -16.65
N SER B 152 -10.20 3.07 -17.64
CA SER B 152 -8.76 3.17 -17.46
C SER B 152 -8.29 4.46 -16.81
N CYS B 153 -8.88 5.61 -17.14
CA CYS B 153 -8.53 6.82 -16.42
C CYS B 153 -9.67 7.82 -16.52
N CYS B 154 -9.83 8.60 -15.45
CA CYS B 154 -10.90 9.56 -15.30
C CYS B 154 -10.34 10.88 -14.79
N ARG B 155 -10.74 11.98 -15.42
CA ARG B 155 -10.20 13.30 -15.13
C ARG B 155 -11.31 14.34 -15.10
N PHE B 156 -11.19 15.29 -14.17
CA PHE B 156 -12.18 16.34 -13.98
C PHE B 156 -11.81 17.63 -14.70
N LEU B 157 -12.83 18.32 -15.21
CA LEU B 157 -12.68 19.69 -15.69
C LEU B 157 -13.17 20.70 -14.68
N ASP B 158 -14.44 20.64 -14.32
CA ASP B 158 -14.98 21.37 -13.18
C ASP B 158 -15.81 20.37 -12.38
N ASP B 159 -16.55 20.89 -11.40
CA ASP B 159 -17.25 19.98 -10.50
C ASP B 159 -18.38 19.25 -11.18
N ASN B 160 -18.73 19.64 -12.40
CA ASN B 160 -19.98 19.17 -13.00
C ASN B 160 -19.72 18.26 -14.19
N GLN B 161 -18.50 18.15 -14.68
CA GLN B 161 -18.26 17.27 -15.82
C GLN B 161 -16.88 16.63 -15.76
N ILE B 162 -16.80 15.45 -16.34
CA ILE B 162 -15.64 14.57 -16.16
C ILE B 162 -15.37 13.82 -17.47
N VAL B 163 -14.10 13.63 -17.78
CA VAL B 163 -13.71 12.90 -18.98
C VAL B 163 -13.15 11.56 -18.56
N THR B 164 -13.61 10.51 -19.23
CA THR B 164 -13.18 9.16 -18.96
C THR B 164 -12.67 8.50 -20.22
N SER B 165 -11.88 7.44 -20.05
CA SER B 165 -11.42 6.61 -21.14
C SER B 165 -11.61 5.16 -20.73
N SER B 166 -11.99 4.30 -21.66
CA SER B 166 -12.29 2.93 -21.29
C SER B 166 -11.42 1.96 -22.06
N GLY B 167 -11.64 0.69 -21.77
CA GLY B 167 -11.06 -0.38 -22.55
C GLY B 167 -12.01 -0.84 -23.64
N ASP B 168 -12.83 0.08 -24.13
CA ASP B 168 -13.66 -0.19 -25.29
C ASP B 168 -13.33 0.75 -26.44
N THR B 169 -12.10 1.23 -26.50
CA THR B 169 -11.64 2.14 -27.54
C THR B 169 -12.49 3.41 -27.59
N THR B 170 -12.87 3.92 -26.43
CA THR B 170 -13.79 5.04 -26.37
C THR B 170 -13.54 5.90 -25.13
N CYS B 171 -13.53 7.22 -25.33
CA CYS B 171 -13.51 8.20 -24.26
C CYS B 171 -14.87 8.87 -24.21
N ALA B 172 -15.14 9.60 -23.13
CA ALA B 172 -16.46 10.16 -22.96
C ALA B 172 -16.42 11.36 -22.02
N LEU B 173 -17.09 12.43 -22.42
CA LEU B 173 -17.25 13.62 -21.60
C LEU B 173 -18.66 13.60 -21.03
N TRP B 174 -18.74 13.39 -19.72
CA TRP B 174 -19.98 13.23 -18.99
C TRP B 174 -20.34 14.52 -18.26
N ASP B 175 -21.61 14.89 -18.35
CA ASP B 175 -22.21 15.86 -17.46
C ASP B 175 -22.65 15.11 -16.21
N ILE B 176 -22.11 15.47 -15.05
CA ILE B 176 -22.33 14.66 -13.86
C ILE B 176 -23.77 14.73 -13.40
N GLU B 177 -24.41 15.90 -13.48
CA GLU B 177 -25.76 16.01 -12.95
C GLU B 177 -26.71 15.05 -13.63
N THR B 178 -26.62 14.92 -14.96
CA THR B 178 -27.53 14.09 -15.72
C THR B 178 -27.01 12.70 -15.99
N GLY B 179 -25.70 12.48 -15.91
CA GLY B 179 -25.19 11.14 -16.10
C GLY B 179 -25.08 10.69 -17.52
N GLN B 180 -25.26 11.58 -18.49
CA GLN B 180 -25.22 11.20 -19.89
C GLN B 180 -23.95 11.71 -20.54
N GLN B 181 -23.45 10.94 -21.49
CA GLN B 181 -22.31 11.36 -22.27
C GLN B 181 -22.68 12.55 -23.12
N THR B 182 -22.32 13.74 -22.66
CA THR B 182 -22.48 14.93 -23.47
C THR B 182 -21.62 14.89 -24.70
N THR B 183 -20.56 14.10 -24.70
CA THR B 183 -19.82 13.88 -25.93
C THR B 183 -19.14 12.53 -25.84
N THR B 184 -19.08 11.81 -26.95
CA THR B 184 -18.38 10.54 -26.98
C THR B 184 -17.23 10.64 -27.96
N PHE B 185 -16.02 10.45 -27.46
CA PHE B 185 -14.79 10.59 -28.24
C PHE B 185 -14.42 9.22 -28.76
N THR B 186 -14.65 9.01 -30.04
CA THR B 186 -14.38 7.73 -30.68
C THR B 186 -13.35 7.92 -31.78
N GLY B 187 -12.56 6.88 -32.01
CA GLY B 187 -11.51 6.96 -32.99
C GLY B 187 -10.31 6.11 -32.64
N HIS B 188 -10.20 5.70 -31.38
CA HIS B 188 -9.13 4.79 -31.01
C HIS B 188 -9.39 3.41 -31.56
N THR B 189 -8.31 2.69 -31.81
CA THR B 189 -8.40 1.31 -32.25
C THR B 189 -8.02 0.31 -31.18
N GLY B 190 -7.56 0.77 -30.02
CA GLY B 190 -7.20 -0.10 -28.93
C GLY B 190 -7.76 0.38 -27.59
N ASP B 191 -7.41 -0.37 -26.55
CA ASP B 191 -7.75 0.01 -25.20
C ASP B 191 -7.14 1.35 -24.84
N VAL B 192 -7.97 2.32 -24.47
CA VAL B 192 -7.47 3.62 -24.08
C VAL B 192 -7.10 3.61 -22.61
N MET B 193 -5.82 3.86 -22.33
CA MET B 193 -5.28 3.74 -20.98
C MET B 193 -5.13 5.07 -20.25
N SER B 194 -4.39 6.04 -20.78
CA SER B 194 -4.10 7.22 -19.99
C SER B 194 -4.42 8.49 -20.74
N LEU B 195 -5.13 9.41 -20.09
CA LEU B 195 -5.48 10.68 -20.72
C LEU B 195 -5.06 11.82 -19.80
N SER B 196 -4.73 12.96 -20.41
CA SER B 196 -4.29 14.13 -19.66
C SER B 196 -4.92 15.39 -20.23
N LEU B 197 -5.26 16.31 -19.35
CA LEU B 197 -6.00 17.52 -19.70
C LEU B 197 -5.08 18.72 -19.83
N ALA B 198 -5.44 19.62 -20.72
CA ALA B 198 -4.70 20.86 -20.83
C ALA B 198 -5.03 21.76 -19.65
N PRO B 199 -4.07 22.53 -19.16
CA PRO B 199 -4.35 23.45 -18.06
C PRO B 199 -5.43 24.47 -18.37
N ASP B 200 -5.57 24.90 -19.63
CA ASP B 200 -6.69 25.73 -20.03
C ASP B 200 -8.00 24.97 -20.04
N THR B 201 -7.95 23.64 -20.02
CA THR B 201 -9.12 22.80 -19.83
C THR B 201 -10.08 22.97 -21.02
N ARG B 202 -9.53 22.91 -22.21
CA ARG B 202 -10.27 22.93 -23.46
C ARG B 202 -9.87 21.82 -24.41
N LEU B 203 -8.66 21.28 -24.28
CA LEU B 203 -8.16 20.17 -25.07
C LEU B 203 -7.68 19.07 -24.14
N PHE B 204 -7.67 17.84 -24.62
CA PHE B 204 -7.10 16.76 -23.83
C PHE B 204 -6.58 15.66 -24.74
N VAL B 205 -5.59 14.92 -24.27
CA VAL B 205 -4.96 13.87 -25.06
C VAL B 205 -5.21 12.51 -24.42
N SER B 206 -5.21 11.47 -25.26
CA SER B 206 -5.51 10.10 -24.84
C SER B 206 -4.48 9.14 -25.41
N GLY B 207 -4.09 8.15 -24.62
CA GLY B 207 -3.06 7.20 -24.99
C GLY B 207 -3.80 5.88 -24.93
N ALA B 208 -3.45 4.98 -25.86
CA ALA B 208 -4.45 3.95 -26.11
C ALA B 208 -3.95 2.64 -26.69
N CYS B 209 -2.83 2.10 -26.21
CA CYS B 209 -2.45 0.71 -26.51
C CYS B 209 -2.66 0.39 -27.98
N ASP B 210 -2.44 1.37 -28.84
CA ASP B 210 -2.46 1.13 -30.28
C ASP B 210 -1.37 1.92 -30.96
N ALA B 211 -0.29 2.22 -30.24
CA ALA B 211 0.82 2.99 -30.75
C ALA B 211 0.36 4.39 -31.18
N SER B 212 -0.58 4.95 -30.44
CA SER B 212 -1.04 6.29 -30.78
C SER B 212 -1.58 6.99 -29.56
N ALA B 213 -1.46 8.30 -29.57
CA ALA B 213 -2.12 9.19 -28.66
C ALA B 213 -2.84 10.22 -29.51
N LYS B 214 -3.87 10.83 -28.97
CA LYS B 214 -4.72 11.71 -29.75
C LYS B 214 -5.03 12.98 -28.98
N LEU B 215 -4.91 14.12 -29.65
CA LEU B 215 -5.37 15.39 -29.12
C LEU B 215 -6.81 15.61 -29.58
N TRP B 216 -7.71 15.73 -28.61
CA TRP B 216 -9.13 15.92 -28.80
C TRP B 216 -9.55 17.29 -28.30
N ASP B 217 -10.55 17.86 -28.94
CA ASP B 217 -11.20 19.07 -28.47
C ASP B 217 -12.42 18.65 -27.67
N VAL B 218 -12.60 19.26 -26.50
CA VAL B 218 -13.68 18.83 -25.63
C VAL B 218 -15.02 19.42 -26.05
N ARG B 219 -15.03 20.64 -26.55
CA ARG B 219 -16.27 21.30 -26.93
C ARG B 219 -16.78 20.87 -28.30
N GLU B 220 -16.01 20.09 -29.03
CA GLU B 220 -16.38 19.69 -30.38
C GLU B 220 -16.52 18.20 -30.56
N GLY B 221 -15.76 17.40 -29.80
CA GLY B 221 -15.89 15.96 -29.87
C GLY B 221 -15.09 15.29 -30.96
N MET B 222 -14.26 16.02 -31.68
CA MET B 222 -13.48 15.48 -32.79
C MET B 222 -12.02 15.36 -32.41
N CYS B 223 -11.37 14.34 -32.96
CA CYS B 223 -9.96 14.11 -32.71
C CYS B 223 -9.14 15.11 -33.50
N ARG B 224 -8.57 16.09 -32.81
CA ARG B 224 -7.86 17.15 -33.51
C ARG B 224 -6.61 16.63 -34.20
N GLN B 225 -5.77 15.88 -33.49
CA GLN B 225 -4.52 15.41 -34.07
C GLN B 225 -4.22 14.01 -33.57
N THR B 226 -3.51 13.23 -34.38
CA THR B 226 -3.15 11.86 -34.04
C THR B 226 -1.64 11.68 -34.07
N PHE B 227 -1.05 11.40 -32.92
CA PHE B 227 0.37 11.23 -32.78
C PHE B 227 0.68 9.76 -32.65
N THR B 228 1.77 9.33 -33.29
CA THR B 228 2.22 7.96 -33.19
C THR B 228 3.73 7.99 -33.01
N GLY B 229 4.36 6.85 -33.15
CA GLY B 229 5.80 6.79 -33.02
C GLY B 229 6.20 5.72 -32.04
N HIS B 230 5.35 5.49 -31.06
CA HIS B 230 5.57 4.39 -30.14
C HIS B 230 5.37 3.07 -30.85
N GLU B 231 6.11 2.08 -30.41
CA GLU B 231 6.01 0.74 -30.97
C GLU B 231 5.07 -0.15 -30.17
N SER B 232 4.56 0.34 -29.05
CA SER B 232 3.74 -0.48 -28.19
C SER B 232 2.78 0.43 -27.42
N ASP B 233 2.23 -0.10 -26.34
CA ASP B 233 1.11 0.54 -25.67
C ASP B 233 1.56 1.81 -24.96
N ILE B 234 0.91 2.93 -25.27
CA ILE B 234 1.14 4.17 -24.54
C ILE B 234 0.41 4.06 -23.21
N ASN B 235 1.18 3.84 -22.15
CA ASN B 235 0.61 3.56 -20.84
C ASN B 235 0.66 4.76 -19.90
N ALA B 236 1.02 5.94 -20.39
CA ALA B 236 1.05 7.13 -19.56
C ALA B 236 1.07 8.33 -20.47
N ILE B 237 0.62 9.47 -19.94
CA ILE B 237 0.55 10.69 -20.73
C ILE B 237 0.41 11.85 -19.76
N CYS B 238 0.94 13.01 -20.17
CA CYS B 238 0.90 14.21 -19.34
C CYS B 238 1.31 15.41 -20.16
N PHE B 239 0.66 16.55 -19.91
CA PHE B 239 0.99 17.80 -20.56
C PHE B 239 2.20 18.48 -19.95
N PHE B 240 3.05 19.03 -20.81
CA PHE B 240 4.02 20.04 -20.41
C PHE B 240 3.22 21.18 -19.85
N PRO B 241 3.65 21.82 -18.79
CA PRO B 241 2.70 22.61 -18.03
C PRO B 241 2.21 23.90 -18.64
N ASN B 242 2.04 23.93 -19.96
CA ASN B 242 1.49 25.10 -20.59
C ASN B 242 0.50 24.74 -21.68
N GLY B 243 0.34 23.45 -21.92
CA GLY B 243 -0.67 22.98 -22.84
C GLY B 243 -0.25 22.91 -24.28
N ASN B 244 1.06 22.97 -24.57
CA ASN B 244 1.51 22.81 -25.94
C ASN B 244 2.62 21.78 -26.10
N ALA B 245 2.78 20.90 -25.11
CA ALA B 245 3.60 19.71 -25.30
C ALA B 245 3.12 18.64 -24.33
N PHE B 246 3.31 17.38 -24.70
CA PHE B 246 2.99 16.29 -23.79
C PHE B 246 4.01 15.17 -23.96
N ALA B 247 3.97 14.23 -23.03
CA ALA B 247 4.96 13.18 -22.99
C ALA B 247 4.28 11.85 -22.71
N THR B 248 4.70 10.84 -23.45
CA THR B 248 4.07 9.54 -23.39
C THR B 248 5.10 8.49 -23.02
N GLY B 249 4.71 7.61 -22.12
CA GLY B 249 5.51 6.47 -21.76
C GLY B 249 4.83 5.22 -22.28
N SER B 250 5.58 4.15 -22.50
CA SER B 250 5.02 3.01 -23.20
C SER B 250 5.74 1.74 -22.81
N ASP B 251 5.13 0.61 -23.15
CA ASP B 251 5.71 -0.68 -22.81
C ASP B 251 7.00 -0.98 -23.55
N ASP B 252 7.35 -0.21 -24.57
CA ASP B 252 8.63 -0.36 -25.22
C ASP B 252 9.76 0.34 -24.48
N ALA B 253 9.53 0.72 -23.22
CA ALA B 253 10.53 1.33 -22.36
C ALA B 253 11.04 2.66 -22.88
N THR B 254 10.22 3.43 -23.58
CA THR B 254 10.65 4.71 -24.13
C THR B 254 9.61 5.76 -23.79
N CYS B 255 10.05 6.85 -23.18
CA CYS B 255 9.25 8.07 -23.10
C CYS B 255 9.50 8.90 -24.35
N ARG B 256 8.57 9.77 -24.67
CA ARG B 256 8.71 10.61 -25.83
C ARG B 256 8.01 11.93 -25.56
N LEU B 257 8.45 12.99 -26.21
CA LEU B 257 7.84 14.31 -26.03
C LEU B 257 7.34 14.82 -27.37
N PHE B 258 6.05 15.13 -27.42
CA PHE B 258 5.39 15.63 -28.61
C PHE B 258 5.00 17.09 -28.42
N ASP B 259 5.12 17.87 -29.49
CA ASP B 259 4.63 19.24 -29.55
C ASP B 259 3.38 19.29 -30.39
N LEU B 260 2.30 19.86 -29.83
CA LEU B 260 1.05 19.89 -30.56
C LEU B 260 1.14 20.71 -31.83
N ARG B 261 1.82 21.85 -31.79
CA ARG B 261 1.96 22.70 -32.96
C ARG B 261 2.82 22.08 -34.05
N ALA B 262 3.93 21.42 -33.67
CA ALA B 262 4.76 20.74 -34.66
C ALA B 262 4.19 19.40 -35.08
N ASP B 263 3.25 18.84 -34.30
CA ASP B 263 2.54 17.60 -34.65
C ASP B 263 3.47 16.39 -34.75
N GLN B 264 4.58 16.42 -34.03
CA GLN B 264 5.53 15.30 -34.10
C GLN B 264 6.43 15.31 -32.88
N GLU B 265 7.29 14.31 -32.81
CA GLU B 265 8.15 14.13 -31.65
C GLU B 265 9.18 15.24 -31.56
N LEU B 266 9.68 15.46 -30.36
CA LEU B 266 10.79 16.37 -30.17
C LEU B 266 12.00 15.71 -29.55
N MET B 267 11.80 14.83 -28.57
CA MET B 267 12.91 14.19 -27.89
C MET B 267 12.44 12.91 -27.22
N THR B 268 13.25 11.87 -27.37
CA THR B 268 12.92 10.55 -26.89
C THR B 268 13.83 10.16 -25.73
N TYR B 269 13.22 9.68 -24.66
CA TYR B 269 13.93 9.37 -23.43
C TYR B 269 13.95 7.86 -23.26
N SER B 270 15.07 7.26 -23.63
CA SER B 270 15.26 5.83 -23.51
C SER B 270 16.69 5.59 -23.07
N HIS B 271 16.85 4.58 -22.22
CA HIS B 271 18.18 4.16 -21.80
C HIS B 271 18.35 2.70 -22.16
N ASP B 272 19.57 2.35 -22.58
CA ASP B 272 19.82 1.00 -23.04
C ASP B 272 19.60 -0.03 -21.94
N ASN B 273 19.88 0.33 -20.70
CA ASN B 273 19.72 -0.61 -19.60
C ASN B 273 18.29 -0.64 -19.04
N ILE B 274 17.39 0.16 -19.58
CA ILE B 274 15.98 0.11 -19.20
C ILE B 274 15.26 -0.70 -20.28
N ILE B 275 14.95 -1.95 -19.97
CA ILE B 275 14.12 -2.78 -20.83
C ILE B 275 12.73 -2.95 -20.27
N CYS B 276 12.35 -2.14 -19.28
CA CYS B 276 11.09 -2.28 -18.58
C CYS B 276 10.11 -1.21 -19.02
N GLY B 277 8.82 -1.54 -18.92
CA GLY B 277 7.78 -0.65 -19.38
C GLY B 277 7.59 0.57 -18.50
N ILE B 278 6.86 1.55 -19.04
CA ILE B 278 6.63 2.83 -18.39
C ILE B 278 5.20 2.90 -17.93
N THR B 279 5.02 3.19 -16.64
CA THR B 279 3.71 3.17 -16.03
C THR B 279 3.16 4.54 -15.71
N SER B 280 4.01 5.56 -15.63
CA SER B 280 3.53 6.91 -15.42
C SER B 280 4.55 7.91 -15.94
N VAL B 281 4.06 9.08 -16.33
CA VAL B 281 4.89 10.20 -16.73
C VAL B 281 4.30 11.47 -16.14
N SER B 282 5.15 12.36 -15.64
CA SER B 282 4.70 13.68 -15.24
C SER B 282 5.84 14.67 -15.43
N PHE B 283 5.46 15.94 -15.53
CA PHE B 283 6.40 17.03 -15.65
C PHE B 283 6.49 17.79 -14.35
N SER B 284 7.59 18.49 -14.14
CA SER B 284 7.66 19.36 -12.98
C SER B 284 6.98 20.68 -13.30
N LYS B 285 7.05 21.61 -12.34
CA LYS B 285 6.29 22.84 -12.50
C LYS B 285 6.77 23.63 -13.72
N SER B 286 8.08 23.69 -13.93
CA SER B 286 8.62 24.44 -15.04
C SER B 286 8.77 23.63 -16.30
N GLY B 287 8.63 22.32 -16.22
CA GLY B 287 8.81 21.48 -17.37
C GLY B 287 10.23 21.08 -17.65
N ARG B 288 11.16 21.37 -16.75
CA ARG B 288 12.54 20.94 -16.98
C ARG B 288 12.76 19.51 -16.53
N LEU B 289 12.01 19.03 -15.56
CA LEU B 289 12.11 17.63 -15.14
C LEU B 289 10.93 16.81 -15.62
N LEU B 290 11.22 15.58 -16.05
CA LEU B 290 10.23 14.63 -16.51
C LEU B 290 10.39 13.34 -15.70
N LEU B 291 9.40 13.02 -14.91
CA LEU B 291 9.45 11.84 -14.07
C LEU B 291 8.77 10.69 -14.77
N ALA B 292 9.46 9.56 -14.82
CA ALA B 292 8.94 8.38 -15.50
C ALA B 292 9.00 7.21 -14.54
N GLY B 293 7.85 6.68 -14.17
CA GLY B 293 7.81 5.48 -13.36
C GLY B 293 7.94 4.25 -14.23
N TYR B 294 8.76 3.31 -13.80
CA TYR B 294 9.09 2.15 -14.61
C TYR B 294 8.72 0.87 -13.89
N ASP B 295 8.71 -0.21 -14.65
CA ASP B 295 8.47 -1.53 -14.09
C ASP B 295 9.70 -2.16 -13.46
N ASP B 296 10.90 -1.57 -13.60
CA ASP B 296 12.08 -2.10 -12.95
C ASP B 296 12.20 -1.57 -11.52
N PHE B 297 11.06 -1.25 -10.93
CA PHE B 297 10.92 -1.00 -9.50
C PHE B 297 11.47 0.37 -9.17
N ASN B 298 11.41 1.27 -10.13
CA ASN B 298 12.22 2.48 -10.10
C ASN B 298 11.42 3.62 -10.73
N CYS B 299 11.95 4.83 -10.57
CA CYS B 299 11.36 6.01 -11.17
C CYS B 299 12.48 6.97 -11.50
N ASN B 300 12.60 7.34 -12.76
CA ASN B 300 13.74 8.12 -13.20
C ASN B 300 13.33 9.56 -13.48
N VAL B 301 14.30 10.45 -13.40
CA VAL B 301 14.10 11.89 -13.52
C VAL B 301 14.92 12.37 -14.69
N TRP B 302 14.24 12.86 -15.72
CA TRP B 302 14.84 13.20 -17.00
C TRP B 302 14.89 14.70 -17.19
N ASP B 303 16.05 15.19 -17.62
CA ASP B 303 16.13 16.54 -18.13
C ASP B 303 15.27 16.58 -19.37
N ALA B 304 14.10 17.20 -19.28
CA ALA B 304 13.13 17.12 -20.35
C ALA B 304 13.60 17.80 -21.63
N LEU B 305 14.64 18.63 -21.55
CA LEU B 305 15.12 19.34 -22.73
C LEU B 305 16.42 18.77 -23.28
N LYS B 306 17.01 17.78 -22.63
CA LYS B 306 18.27 17.21 -23.09
C LYS B 306 18.28 15.71 -23.19
N ALA B 307 17.20 15.03 -22.80
CA ALA B 307 17.09 13.58 -22.85
C ALA B 307 18.08 12.91 -21.90
N ASP B 308 18.72 13.68 -21.04
CA ASP B 308 19.65 13.10 -20.10
C ASP B 308 18.88 12.65 -18.87
N ARG B 309 19.47 11.75 -18.11
CA ARG B 309 18.89 11.32 -16.85
C ARG B 309 19.39 12.27 -15.78
N ALA B 310 18.51 13.10 -15.25
CA ALA B 310 18.90 13.95 -14.15
C ALA B 310 19.16 13.14 -12.89
N GLY B 311 18.36 12.11 -12.65
CA GLY B 311 18.45 11.42 -11.38
C GLY B 311 17.53 10.24 -11.33
N VAL B 312 17.46 9.62 -10.15
CA VAL B 312 16.68 8.41 -9.95
C VAL B 312 16.02 8.46 -8.59
N LEU B 313 14.74 8.08 -8.55
CA LEU B 313 13.99 7.92 -7.27
C LEU B 313 13.98 6.42 -7.16
N ALA B 314 15.07 5.86 -6.65
CA ALA B 314 15.07 4.47 -6.24
C ALA B 314 14.45 4.37 -4.89
N GLY B 315 13.84 3.24 -4.63
CA GLY B 315 13.28 3.04 -3.31
C GLY B 315 11.85 2.57 -3.28
N HIS B 316 11.43 1.87 -4.32
CA HIS B 316 10.19 1.12 -4.27
C HIS B 316 10.55 -0.35 -4.42
N ASP B 317 9.83 -1.19 -3.70
CA ASP B 317 10.07 -2.62 -3.72
C ASP B 317 9.23 -3.36 -4.75
N ASN B 318 8.50 -2.66 -5.59
CA ASN B 318 7.83 -3.30 -6.71
C ASN B 318 7.48 -2.18 -7.71
N ARG B 319 6.60 -2.46 -8.66
CA ARG B 319 6.36 -1.54 -9.76
C ARG B 319 5.76 -0.22 -9.31
N VAL B 320 6.38 0.87 -9.75
CA VAL B 320 5.83 2.21 -9.58
C VAL B 320 4.70 2.41 -10.58
N SER B 321 3.47 2.25 -10.13
CA SER B 321 2.32 2.30 -11.01
C SER B 321 1.79 3.71 -11.24
N CYS B 322 2.09 4.64 -10.36
CA CYS B 322 1.57 6.00 -10.52
C CYS B 322 2.58 7.02 -10.00
N LEU B 323 2.50 8.23 -10.54
CA LEU B 323 3.24 9.34 -9.95
C LEU B 323 2.55 10.65 -10.30
N GLY B 324 2.79 11.65 -9.47
CA GLY B 324 2.19 12.97 -9.67
C GLY B 324 3.00 14.06 -9.01
N VAL B 325 2.94 15.24 -9.62
CA VAL B 325 3.66 16.42 -9.16
C VAL B 325 2.64 17.46 -8.73
N THR B 326 2.94 18.12 -7.62
CA THR B 326 2.03 19.08 -7.03
C THR B 326 1.90 20.31 -7.91
N ASP B 327 0.82 21.06 -7.72
CA ASP B 327 0.67 22.31 -8.44
C ASP B 327 1.63 23.37 -7.93
N ASP B 328 2.14 23.22 -6.71
CA ASP B 328 3.14 24.15 -6.20
C ASP B 328 4.56 23.71 -6.49
N GLY B 329 4.74 22.49 -6.98
CA GLY B 329 6.04 22.01 -7.39
C GLY B 329 6.91 21.42 -6.32
N MET B 330 6.51 21.50 -5.05
CA MET B 330 7.37 21.04 -3.98
C MET B 330 7.64 19.55 -4.08
N ALA B 331 6.62 18.75 -4.37
CA ALA B 331 6.74 17.33 -4.10
C ALA B 331 6.39 16.51 -5.34
N VAL B 332 6.93 15.30 -5.37
CA VAL B 332 6.57 14.25 -6.31
C VAL B 332 6.11 13.05 -5.51
N ALA B 333 4.93 12.53 -5.83
CA ALA B 333 4.41 11.40 -5.10
C ALA B 333 4.26 10.19 -5.99
N THR B 334 4.86 9.09 -5.57
CA THR B 334 4.91 7.87 -6.36
C THR B 334 4.19 6.76 -5.63
N GLY B 335 3.43 5.97 -6.37
CA GLY B 335 2.72 4.85 -5.81
C GLY B 335 3.05 3.57 -6.54
N SER B 336 3.40 2.56 -5.75
CA SER B 336 3.89 1.28 -6.26
C SER B 336 3.02 0.15 -5.77
N TRP B 337 3.21 -1.02 -6.38
CA TRP B 337 2.45 -2.21 -6.03
C TRP B 337 2.93 -2.84 -4.73
N ASP B 338 3.74 -2.13 -3.96
CA ASP B 338 4.13 -2.56 -2.64
C ASP B 338 3.32 -1.87 -1.55
N SER B 339 2.16 -1.35 -1.88
CA SER B 339 1.24 -0.68 -0.96
C SER B 339 1.81 0.59 -0.36
N PHE B 340 2.82 1.19 -0.97
CA PHE B 340 3.45 2.38 -0.42
C PHE B 340 3.38 3.52 -1.40
N LEU B 341 3.08 4.70 -0.87
CA LEU B 341 2.99 5.95 -1.61
C LEU B 341 3.96 6.91 -0.96
N LYS B 342 4.90 7.43 -1.74
CA LYS B 342 6.03 8.15 -1.17
C LYS B 342 6.13 9.54 -1.75
N ILE B 343 6.38 10.50 -0.86
CA ILE B 343 6.53 11.90 -1.21
C ILE B 343 8.02 12.18 -1.28
N TRP B 344 8.44 12.84 -2.35
CA TRP B 344 9.84 13.15 -2.59
C TRP B 344 9.99 14.64 -2.82
N ASN B 345 10.94 15.24 -2.14
CA ASN B 345 11.22 16.64 -2.36
C ASN B 345 12.69 16.96 -2.20
N VAL C 1 -29.59 17.28 8.51
CA VAL C 1 -28.97 16.95 9.78
C VAL C 1 -29.88 17.39 10.92
N GLN C 2 -29.78 16.72 12.06
CA GLN C 2 -30.61 17.04 13.20
C GLN C 2 -29.96 16.53 14.47
N LEU C 3 -29.91 17.37 15.49
CA LEU C 3 -29.48 16.99 16.83
C LEU C 3 -30.55 17.46 17.80
N VAL C 4 -31.41 16.55 18.23
CA VAL C 4 -32.48 16.86 19.17
C VAL C 4 -31.99 16.48 20.56
N GLU C 5 -31.91 17.47 21.44
CA GLU C 5 -31.41 17.24 22.78
C GLU C 5 -32.58 17.12 23.75
N SER C 6 -32.45 16.21 24.69
CA SER C 6 -33.49 15.98 25.68
C SER C 6 -32.84 15.81 27.04
N GLY C 7 -33.63 16.02 28.07
CA GLY C 7 -33.16 15.83 29.42
C GLY C 7 -33.27 17.04 30.31
N GLY C 8 -33.87 18.12 29.83
CA GLY C 8 -33.94 19.35 30.60
C GLY C 8 -34.98 19.27 31.69
N GLY C 9 -35.12 20.37 32.40
CA GLY C 9 -36.05 20.50 33.48
C GLY C 9 -35.40 21.13 34.68
N LEU C 10 -36.04 20.96 35.83
CA LEU C 10 -35.63 21.56 37.07
C LEU C 10 -34.99 20.50 37.97
N VAL C 11 -33.82 20.81 38.51
CA VAL C 11 -33.14 19.94 39.46
C VAL C 11 -32.81 20.73 40.72
N GLN C 12 -33.03 20.09 41.87
CA GLN C 12 -32.66 20.73 43.11
C GLN C 12 -31.14 20.77 43.22
N PRO C 13 -30.60 21.66 44.06
CA PRO C 13 -29.13 21.76 44.16
C PRO C 13 -28.51 20.43 44.55
N GLY C 14 -27.32 20.20 44.04
CA GLY C 14 -26.73 18.90 44.15
C GLY C 14 -27.35 17.97 43.13
N GLY C 15 -27.33 16.69 43.44
CA GLY C 15 -28.03 15.77 42.59
C GLY C 15 -27.33 15.60 41.25
N SER C 16 -28.05 14.96 40.33
CA SER C 16 -27.45 14.52 39.08
C SER C 16 -28.51 14.57 37.99
N ARG C 17 -28.03 14.54 36.76
CA ARG C 17 -28.91 14.59 35.59
C ARG C 17 -28.18 13.95 34.43
N LYS C 18 -28.90 13.60 33.38
CA LYS C 18 -28.32 12.89 32.25
C LYS C 18 -28.91 13.43 30.97
N LEU C 19 -28.18 14.33 30.31
CA LEU C 19 -28.65 14.90 29.08
C LEU C 19 -28.32 13.98 27.92
N SER C 20 -29.28 13.82 27.02
CA SER C 20 -29.09 12.94 25.89
C SER C 20 -29.25 13.76 24.62
N CYS C 21 -28.54 13.34 23.60
CA CYS C 21 -28.63 13.99 22.32
C CYS C 21 -28.84 12.94 21.26
N SER C 22 -30.02 12.98 20.63
CA SER C 22 -30.37 12.10 19.53
C SER C 22 -29.90 12.74 18.24
N ALA C 23 -28.93 12.11 17.60
CA ALA C 23 -28.46 12.53 16.31
C ALA C 23 -29.22 11.80 15.22
N SER C 24 -29.52 12.51 14.14
CA SER C 24 -30.27 11.90 13.07
C SER C 24 -29.93 12.62 11.78
N GLY C 25 -29.55 11.86 10.77
CA GLY C 25 -29.27 12.46 9.49
C GLY C 25 -27.81 12.69 9.19
N PHE C 26 -26.90 12.13 9.97
CA PHE C 26 -25.49 12.22 9.64
C PHE C 26 -24.72 11.08 10.29
N ALA C 27 -23.50 10.86 9.80
CA ALA C 27 -22.65 9.79 10.28
C ALA C 27 -22.01 10.10 11.63
N PHE C 28 -22.75 9.76 12.68
CA PHE C 28 -22.40 10.17 14.03
C PHE C 28 -20.99 9.70 14.33
N SER C 29 -20.70 8.44 14.04
CA SER C 29 -19.45 7.83 14.50
C SER C 29 -18.22 8.47 13.88
N SER C 30 -18.38 9.30 12.87
CA SER C 30 -17.26 10.03 12.28
C SER C 30 -17.04 11.39 12.91
N PHE C 31 -17.89 11.82 13.84
CA PHE C 31 -17.88 13.18 14.34
C PHE C 31 -17.44 13.21 15.79
N GLY C 32 -16.75 14.27 16.14
CA GLY C 32 -16.60 14.66 17.52
C GLY C 32 -17.81 15.39 18.00
N MET C 33 -17.98 15.39 19.30
CA MET C 33 -19.13 16.05 19.91
C MET C 33 -18.68 16.89 21.08
N HIS C 34 -19.16 18.12 21.11
CA HIS C 34 -18.88 19.07 22.15
C HIS C 34 -20.19 19.36 22.87
N TRP C 35 -20.08 19.63 24.15
CA TRP C 35 -21.20 20.16 24.92
C TRP C 35 -20.85 21.58 25.30
N VAL C 36 -21.74 22.50 24.94
CA VAL C 36 -21.50 23.93 25.04
C VAL C 36 -22.61 24.56 25.88
N ARG C 37 -22.21 25.35 26.85
CA ARG C 37 -23.09 25.96 27.83
C ARG C 37 -23.54 27.33 27.33
N GLN C 38 -24.65 27.81 27.86
CA GLN C 38 -25.03 29.20 27.72
C GLN C 38 -25.80 29.63 28.96
N ALA C 39 -25.28 30.62 29.67
CA ALA C 39 -25.92 31.07 30.90
C ALA C 39 -27.23 31.80 30.56
N PRO C 40 -28.12 31.97 31.55
CA PRO C 40 -29.45 32.52 31.26
C PRO C 40 -29.45 33.87 30.54
N GLU C 41 -28.55 34.79 30.89
CA GLU C 41 -28.52 36.10 30.25
C GLU C 41 -27.14 36.46 29.75
N LYS C 42 -26.25 35.49 29.61
CA LYS C 42 -24.84 35.72 29.44
C LYS C 42 -24.34 35.09 28.15
N GLY C 43 -23.03 35.09 28.00
CA GLY C 43 -22.40 34.49 26.85
C GLY C 43 -22.35 32.99 26.97
N LEU C 44 -21.70 32.36 26.01
CA LEU C 44 -21.79 30.91 25.97
C LEU C 44 -20.43 30.29 26.24
N GLU C 45 -20.42 29.28 27.13
CA GLU C 45 -19.20 28.68 27.64
C GLU C 45 -19.08 27.23 27.20
N TRP C 46 -17.86 26.75 27.09
CA TRP C 46 -17.61 25.38 26.66
C TRP C 46 -17.59 24.45 27.85
N VAL C 47 -18.06 23.22 27.66
CA VAL C 47 -18.19 22.27 28.75
C VAL C 47 -17.34 21.02 28.50
N ALA C 48 -17.64 20.26 27.47
CA ALA C 48 -16.97 18.97 27.38
C ALA C 48 -16.81 18.53 25.95
N TYR C 49 -16.02 17.49 25.74
CA TYR C 49 -15.78 17.00 24.40
C TYR C 49 -15.41 15.53 24.38
N ILE C 50 -16.04 14.79 23.47
CA ILE C 50 -15.76 13.38 23.21
C ILE C 50 -15.41 13.24 21.73
N SER C 51 -14.42 12.41 21.44
CA SER C 51 -13.94 12.32 20.10
C SER C 51 -14.55 11.20 19.30
N SER C 52 -14.33 11.20 18.01
CA SER C 52 -14.64 10.04 17.18
C SER C 52 -13.88 8.84 17.70
N GLY C 53 -14.62 7.79 17.97
CA GLY C 53 -14.05 6.62 18.60
C GLY C 53 -13.94 6.69 20.11
N SER C 54 -14.45 7.75 20.73
CA SER C 54 -14.41 7.90 22.18
C SER C 54 -13.01 7.82 22.74
N GLY C 55 -12.01 8.03 21.89
CA GLY C 55 -10.63 7.87 22.32
C GLY C 55 -10.21 8.89 23.35
N THR C 56 -10.56 10.16 23.14
CA THR C 56 -10.10 11.21 24.03
C THR C 56 -11.28 12.00 24.54
N ILE C 57 -11.17 12.49 25.76
CA ILE C 57 -12.23 13.23 26.42
C ILE C 57 -11.61 14.43 27.11
N TYR C 58 -12.21 15.60 26.94
CA TYR C 58 -11.72 16.83 27.53
C TYR C 58 -12.85 17.55 28.24
N TYR C 59 -12.49 18.33 29.24
CA TYR C 59 -13.48 19.02 30.06
C TYR C 59 -13.05 20.45 30.31
N ALA C 60 -13.97 21.22 30.88
CA ALA C 60 -13.65 22.53 31.40
C ALA C 60 -13.13 22.39 32.81
N ASP C 61 -12.59 23.49 33.34
CA ASP C 61 -12.06 23.45 34.70
C ASP C 61 -13.17 23.32 35.73
N THR C 62 -14.37 23.83 35.43
CA THR C 62 -15.45 23.82 36.41
C THR C 62 -16.26 22.53 36.40
N VAL C 63 -15.90 21.56 35.56
CA VAL C 63 -16.67 20.34 35.41
C VAL C 63 -15.81 19.09 35.41
N LYS C 64 -14.49 19.21 35.51
CA LYS C 64 -13.63 18.04 35.33
C LYS C 64 -13.86 17.07 36.47
N GLY C 65 -14.09 15.81 36.12
CA GLY C 65 -14.46 14.82 37.10
C GLY C 65 -15.81 15.03 37.72
N ARG C 66 -16.47 16.13 37.42
CA ARG C 66 -17.83 16.40 37.86
C ARG C 66 -18.86 16.05 36.81
N PHE C 67 -18.56 16.27 35.54
CA PHE C 67 -19.37 15.82 34.43
C PHE C 67 -18.61 14.74 33.68
N THR C 68 -19.34 13.92 32.94
CA THR C 68 -18.76 12.89 32.09
C THR C 68 -19.46 12.88 30.75
N ILE C 69 -18.71 12.90 29.68
CA ILE C 69 -19.27 12.83 28.35
C ILE C 69 -19.08 11.42 27.83
N SER C 70 -20.12 10.86 27.22
CA SER C 70 -20.03 9.54 26.63
C SER C 70 -20.79 9.53 25.33
N ARG C 71 -20.51 8.56 24.47
CA ARG C 71 -21.31 8.40 23.27
C ARG C 71 -21.66 6.93 23.08
N ASP C 72 -22.88 6.69 22.61
CA ASP C 72 -23.34 5.38 22.22
C ASP C 72 -23.64 5.49 20.73
N ASP C 73 -22.68 5.07 19.93
CA ASP C 73 -22.71 5.23 18.49
C ASP C 73 -23.82 4.43 17.83
N PRO C 74 -23.98 3.13 18.12
CA PRO C 74 -24.99 2.36 17.38
C PRO C 74 -26.39 2.91 17.53
N LYS C 75 -26.71 3.50 18.67
CA LYS C 75 -27.99 4.14 18.88
C LYS C 75 -27.98 5.61 18.47
N ASN C 76 -26.83 6.13 18.08
CA ASN C 76 -26.67 7.54 17.75
C ASN C 76 -27.14 8.43 18.88
N THR C 77 -26.48 8.34 20.02
CA THR C 77 -26.82 9.16 21.17
C THR C 77 -25.56 9.65 21.88
N LEU C 78 -25.56 10.92 22.27
CA LEU C 78 -24.48 11.50 23.04
C LEU C 78 -24.99 11.78 24.45
N PHE C 79 -24.24 11.39 25.47
CA PHE C 79 -24.70 11.53 26.84
C PHE C 79 -23.80 12.46 27.61
N LEU C 80 -24.41 13.26 28.46
CA LEU C 80 -23.70 14.06 29.46
C LEU C 80 -24.22 13.64 30.81
N GLN C 81 -23.38 13.00 31.59
CA GLN C 81 -23.71 12.57 32.94
C GLN C 81 -23.25 13.67 33.89
N MET C 82 -24.18 14.41 34.45
CA MET C 82 -23.90 15.53 35.32
C MET C 82 -24.04 15.06 36.75
N THR C 83 -22.99 15.24 37.53
CA THR C 83 -22.97 14.89 38.94
C THR C 83 -22.68 16.12 39.78
N SER C 84 -23.35 16.22 40.93
CA SER C 84 -23.11 17.28 41.90
C SER C 84 -23.27 18.64 41.25
N LEU C 85 -24.44 18.87 40.68
CA LEU C 85 -24.75 20.17 40.10
C LEU C 85 -24.91 21.21 41.20
N ARG C 86 -24.61 22.45 40.87
CA ARG C 86 -24.75 23.58 41.77
C ARG C 86 -25.59 24.65 41.12
N SER C 87 -25.85 25.71 41.87
CA SER C 87 -26.71 26.77 41.37
C SER C 87 -26.07 27.52 40.20
N GLU C 88 -24.77 27.33 39.96
CA GLU C 88 -24.11 28.00 38.85
C GLU C 88 -24.22 27.24 37.54
N ASP C 89 -24.70 26.00 37.57
CA ASP C 89 -24.84 25.21 36.35
C ASP C 89 -26.08 25.58 35.53
N THR C 90 -26.96 26.41 36.06
CA THR C 90 -28.20 26.75 35.37
C THR C 90 -27.90 27.33 34.01
N ALA C 91 -28.29 26.63 32.96
CA ALA C 91 -27.87 27.02 31.64
C ALA C 91 -28.63 26.24 30.59
N MET C 92 -28.51 26.70 29.36
CA MET C 92 -28.98 25.96 28.22
C MET C 92 -27.79 25.23 27.62
N TYR C 93 -27.95 23.94 27.39
CA TYR C 93 -26.87 23.14 26.86
C TYR C 93 -27.15 22.77 25.41
N TYR C 94 -26.11 22.88 24.60
CA TYR C 94 -26.18 22.57 23.20
C TYR C 94 -25.17 21.50 22.86
N CYS C 95 -25.56 20.61 21.97
CA CYS C 95 -24.67 19.60 21.41
C CYS C 95 -24.13 20.10 20.10
N VAL C 96 -22.82 20.23 20.03
CA VAL C 96 -22.16 20.86 18.90
C VAL C 96 -21.35 19.83 18.18
N ARG C 97 -21.72 19.56 16.94
CA ARG C 97 -20.99 18.64 16.11
C ARG C 97 -19.61 19.20 15.81
N SER C 98 -18.66 18.32 15.57
CA SER C 98 -17.36 18.78 15.12
C SER C 98 -16.75 17.67 14.28
N ILE C 99 -15.88 18.02 13.37
CA ILE C 99 -15.15 17.02 12.62
C ILE C 99 -13.78 17.59 12.32
N TYR C 100 -12.76 16.75 12.39
CA TYR C 100 -11.39 17.24 12.35
C TYR C 100 -10.61 16.44 11.32
N TYR C 101 -10.56 16.96 10.10
CA TYR C 101 -9.60 16.56 9.10
C TYR C 101 -9.14 17.84 8.43
N TYR C 102 -8.16 17.72 7.54
CA TYR C 102 -7.68 18.93 6.89
C TYR C 102 -8.81 19.58 6.10
N GLY C 103 -9.16 20.81 6.49
CA GLY C 103 -10.18 21.56 5.81
C GLY C 103 -11.58 21.36 6.34
N SER C 104 -11.73 20.66 7.45
CA SER C 104 -13.04 20.41 8.03
C SER C 104 -13.59 21.67 8.67
N SER C 105 -14.87 21.60 9.04
CA SER C 105 -15.58 22.75 9.58
C SER C 105 -16.16 22.33 10.92
N PRO C 106 -15.35 22.30 11.96
CA PRO C 106 -15.85 21.94 13.28
C PRO C 106 -16.81 22.99 13.80
N PHE C 107 -17.62 22.59 14.74
CA PHE C 107 -18.61 23.45 15.36
C PHE C 107 -19.60 23.96 14.33
N ASP C 108 -19.98 23.08 13.42
CA ASP C 108 -20.81 23.51 12.30
C ASP C 108 -22.30 23.41 12.62
N PHE C 109 -22.76 22.26 13.09
CA PHE C 109 -24.17 22.10 13.41
C PHE C 109 -24.38 22.13 14.90
N TRP C 110 -25.21 23.04 15.36
CA TRP C 110 -25.53 23.19 16.77
C TRP C 110 -26.96 22.74 17.00
N GLY C 111 -27.16 21.96 18.04
CA GLY C 111 -28.47 21.43 18.34
C GLY C 111 -29.40 22.49 18.87
N GLN C 112 -30.67 22.11 18.97
CA GLN C 112 -31.68 23.05 19.46
C GLN C 112 -31.51 23.33 20.95
N GLY C 113 -30.87 22.42 21.66
CA GLY C 113 -30.52 22.64 23.05
C GLY C 113 -31.59 22.18 24.02
N THR C 114 -31.15 22.00 25.27
CA THR C 114 -32.06 21.63 26.33
C THR C 114 -31.79 22.53 27.53
N THR C 115 -32.85 22.88 28.24
CA THR C 115 -32.79 23.85 29.31
C THR C 115 -32.65 23.14 30.64
N LEU C 116 -31.57 23.41 31.36
CA LEU C 116 -31.35 22.85 32.68
C LEU C 116 -31.40 23.98 33.69
N THR C 117 -32.32 23.88 34.63
CA THR C 117 -32.45 24.89 35.68
C THR C 117 -32.11 24.24 37.01
N VAL C 118 -31.29 24.92 37.81
CA VAL C 118 -30.85 24.43 39.11
C VAL C 118 -31.30 25.42 40.16
N SER C 119 -32.34 25.08 40.90
CA SER C 119 -32.96 26.01 41.83
C SER C 119 -32.03 26.40 42.97
N ALA C 136 -2.31 29.76 31.27
CA ALA C 136 -3.66 29.44 31.70
C ALA C 136 -4.61 29.43 30.50
N ASP C 137 -5.90 29.62 30.77
CA ASP C 137 -6.90 29.65 29.72
C ASP C 137 -6.72 30.89 28.86
N ILE C 138 -6.89 30.71 27.56
CA ILE C 138 -6.69 31.82 26.62
C ILE C 138 -7.82 32.81 26.79
N VAL C 139 -7.47 34.04 27.13
CA VAL C 139 -8.44 35.08 27.39
C VAL C 139 -8.76 35.75 26.07
N MET C 140 -10.04 35.85 25.77
CA MET C 140 -10.53 36.55 24.60
C MET C 140 -11.56 37.58 25.04
N THR C 141 -11.30 38.83 24.70
CA THR C 141 -12.07 39.96 25.22
C THR C 141 -12.87 40.59 24.10
N GLN C 142 -14.18 40.68 24.29
CA GLN C 142 -15.06 41.29 23.30
C GLN C 142 -14.99 42.80 23.44
N ALA C 143 -14.86 43.50 22.31
CA ALA C 143 -14.63 44.93 22.36
C ALA C 143 -15.78 45.66 23.05
N THR C 144 -17.02 45.33 22.67
CA THR C 144 -18.17 46.03 23.22
C THR C 144 -19.37 45.11 23.19
N SER C 145 -20.25 45.31 24.16
CA SER C 145 -21.40 44.44 24.31
C SER C 145 -22.49 44.70 23.28
N SER C 146 -22.58 45.91 22.76
CA SER C 146 -23.65 46.23 21.82
C SER C 146 -23.17 47.32 20.88
N VAL C 147 -23.80 47.35 19.70
CA VAL C 147 -23.45 48.32 18.67
C VAL C 147 -24.71 48.80 17.99
N PRO C 148 -24.94 50.11 17.90
CA PRO C 148 -25.99 50.60 17.01
C PRO C 148 -25.62 50.36 15.55
N VAL C 149 -26.52 49.69 14.83
CA VAL C 149 -26.33 49.37 13.42
C VAL C 149 -27.62 49.66 12.67
N THR C 150 -27.48 49.86 11.36
CA THR C 150 -28.62 50.12 10.51
C THR C 150 -28.49 49.28 9.25
N PRO C 151 -29.59 48.78 8.71
CA PRO C 151 -29.51 47.92 7.54
C PRO C 151 -28.88 48.63 6.35
N GLY C 152 -28.09 47.88 5.61
CA GLY C 152 -27.39 48.39 4.46
C GLY C 152 -25.98 48.85 4.74
N GLU C 153 -25.64 49.14 5.99
CA GLU C 153 -24.31 49.63 6.31
C GLU C 153 -23.40 48.51 6.78
N SER C 154 -22.16 48.57 6.34
CA SER C 154 -21.16 47.60 6.78
C SER C 154 -20.81 47.85 8.24
N VAL C 155 -20.64 46.76 8.98
CA VAL C 155 -20.37 46.82 10.41
C VAL C 155 -19.13 45.97 10.70
N SER C 156 -18.49 46.26 11.83
CA SER C 156 -17.33 45.49 12.27
C SER C 156 -17.43 45.21 13.76
N ILE C 157 -17.01 44.00 14.14
CA ILE C 157 -16.94 43.57 15.54
C ILE C 157 -15.51 43.13 15.79
N SER C 158 -15.06 43.12 17.04
CA SER C 158 -13.70 42.70 17.31
C SER C 158 -13.59 42.01 18.67
N CYS C 159 -12.63 41.09 18.75
CA CYS C 159 -12.15 40.57 20.03
C CYS C 159 -10.63 40.69 20.06
N ARG C 160 -10.10 40.64 21.28
CA ARG C 160 -8.66 40.61 21.52
C ARG C 160 -8.28 39.25 22.08
N SER C 161 -7.12 38.76 21.65
CA SER C 161 -6.57 37.49 22.07
C SER C 161 -5.44 37.73 23.06
N SER C 162 -5.50 37.06 24.20
CA SER C 162 -4.42 37.16 25.17
C SER C 162 -3.23 36.32 24.78
N LYS C 163 -3.34 35.54 23.71
CA LYS C 163 -2.32 34.59 23.33
C LYS C 163 -2.43 34.35 21.83
N SER C 164 -1.30 34.46 21.14
CA SER C 164 -1.33 34.48 19.69
C SER C 164 -1.97 33.20 19.18
N LEU C 165 -3.03 33.35 18.41
CA LEU C 165 -3.76 32.20 17.88
C LEU C 165 -3.13 31.63 16.61
N LEU C 166 -2.18 32.33 16.03
CA LEU C 166 -1.47 31.79 14.87
C LEU C 166 -0.51 30.75 15.40
N HIS C 167 -0.92 29.51 15.36
CA HIS C 167 -0.05 28.40 15.64
C HIS C 167 0.92 28.20 14.48
N SER C 168 2.00 27.48 14.75
CA SER C 168 3.06 27.35 13.75
C SER C 168 2.58 26.65 12.50
N ASN C 169 1.43 25.97 12.55
CA ASN C 169 0.87 25.35 11.36
C ASN C 169 0.53 26.37 10.30
N GLY C 170 0.32 27.61 10.68
CA GLY C 170 -0.10 28.65 9.77
C GLY C 170 -1.56 28.98 9.86
N ASN C 171 -2.32 28.19 10.60
CA ASN C 171 -3.75 28.42 10.76
C ASN C 171 -3.99 29.13 12.08
N THR C 172 -4.84 30.14 12.04
CA THR C 172 -5.22 30.87 13.24
C THR C 172 -6.52 30.31 13.78
N TYR C 173 -6.42 29.47 14.81
CA TYR C 173 -7.57 28.69 15.27
C TYR C 173 -8.52 29.55 16.09
N LEU C 174 -9.28 30.36 15.37
CA LEU C 174 -10.26 31.27 15.94
C LEU C 174 -11.61 31.07 15.27
N TYR C 175 -12.69 31.16 16.05
CA TYR C 175 -14.03 30.94 15.54
C TYR C 175 -14.95 32.12 15.87
N TRP C 176 -15.82 32.46 14.92
CA TRP C 176 -16.88 33.44 15.09
C TRP C 176 -18.21 32.76 14.87
N PHE C 177 -19.12 32.93 15.83
CA PHE C 177 -20.43 32.30 15.83
C PHE C 177 -21.52 33.36 15.89
N LEU C 178 -22.69 33.02 15.38
CA LEU C 178 -23.84 33.94 15.42
C LEU C 178 -25.02 33.23 16.04
N GLN C 179 -25.62 33.87 17.03
CA GLN C 179 -26.85 33.41 17.63
C GLN C 179 -27.88 34.51 17.43
N ARG C 180 -28.87 34.23 16.62
CA ARG C 180 -30.03 35.08 16.46
C ARG C 180 -30.90 35.00 17.70
N PRO C 181 -31.80 35.96 17.91
CA PRO C 181 -32.62 35.94 19.12
C PRO C 181 -33.51 34.70 19.17
N GLY C 182 -33.29 33.89 20.20
CA GLY C 182 -34.12 32.73 20.43
C GLY C 182 -33.75 31.49 19.66
N GLN C 183 -32.66 31.50 18.90
CA GLN C 183 -32.24 30.34 18.12
C GLN C 183 -30.92 29.79 18.63
N SER C 184 -30.53 28.67 18.05
CA SER C 184 -29.26 28.04 18.38
C SER C 184 -28.14 28.64 17.53
N PRO C 185 -26.92 28.65 18.05
CA PRO C 185 -25.82 29.29 17.34
C PRO C 185 -25.51 28.61 16.02
N GLN C 186 -24.98 29.40 15.11
CA GLN C 186 -24.64 28.97 13.77
C GLN C 186 -23.22 29.41 13.46
N LEU C 187 -22.38 28.47 13.04
CA LEU C 187 -20.99 28.83 12.76
C LEU C 187 -20.99 29.81 11.61
N LEU C 188 -20.14 30.80 11.73
CA LEU C 188 -20.06 31.87 10.76
C LEU C 188 -18.68 31.97 10.16
N ILE C 189 -17.65 31.91 10.98
CA ILE C 189 -16.26 31.90 10.52
C ILE C 189 -15.50 30.86 11.30
N TYR C 190 -14.75 30.01 10.60
CA TYR C 190 -13.85 29.08 11.25
C TYR C 190 -12.41 29.40 10.86
N ARG C 191 -11.53 29.30 11.86
CA ARG C 191 -10.10 29.57 11.72
C ARG C 191 -9.84 31.01 11.29
N MET C 192 -10.64 31.93 11.80
CA MET C 192 -10.49 33.39 11.64
C MET C 192 -10.75 33.88 10.22
N SER C 193 -10.81 33.02 9.22
CA SER C 193 -10.83 33.55 7.88
C SER C 193 -11.86 32.90 6.96
N ASN C 194 -12.25 31.66 7.25
CA ASN C 194 -13.06 30.89 6.33
C ASN C 194 -14.53 30.97 6.71
N LEU C 195 -15.40 30.96 5.70
CA LEU C 195 -16.83 31.04 5.89
C LEU C 195 -17.45 29.65 5.90
N ALA C 196 -18.55 29.49 6.63
CA ALA C 196 -19.19 28.21 6.72
C ALA C 196 -20.26 28.05 5.65
N SER C 197 -20.62 26.79 5.39
CA SER C 197 -21.66 26.51 4.42
C SER C 197 -23.02 26.91 4.96
N GLY C 198 -23.79 27.59 4.14
CA GLY C 198 -25.04 28.19 4.55
C GLY C 198 -24.95 29.63 5.00
N VAL C 199 -23.74 30.17 5.07
CA VAL C 199 -23.53 31.54 5.49
C VAL C 199 -23.41 32.41 4.25
N PRO C 200 -24.08 33.55 4.19
CA PRO C 200 -23.89 34.46 3.05
C PRO C 200 -22.46 34.96 2.96
N ASP C 201 -22.02 35.25 1.74
CA ASP C 201 -20.66 35.71 1.51
C ASP C 201 -20.42 37.15 1.93
N ARG C 202 -21.45 37.90 2.31
CA ARG C 202 -21.23 39.24 2.81
C ARG C 202 -20.49 39.25 4.13
N PHE C 203 -20.49 38.14 4.85
CA PHE C 203 -19.68 37.99 6.05
C PHE C 203 -18.23 37.76 5.65
N SER C 204 -17.31 38.36 6.40
CA SER C 204 -15.90 38.09 6.20
C SER C 204 -15.20 38.42 7.50
N GLY C 205 -13.97 37.96 7.62
CA GLY C 205 -13.29 38.18 8.87
C GLY C 205 -11.81 38.28 8.62
N SER C 206 -11.12 38.90 9.57
CA SER C 206 -9.69 39.07 9.42
C SER C 206 -9.10 39.29 10.79
N GLY C 207 -7.79 39.50 10.81
CA GLY C 207 -7.11 39.83 12.03
C GLY C 207 -5.71 39.24 12.03
N SER C 208 -5.14 39.20 13.22
CA SER C 208 -3.91 38.46 13.44
C SER C 208 -3.86 38.07 14.90
N GLY C 209 -2.75 37.44 15.28
CA GLY C 209 -2.49 37.02 16.67
C GLY C 209 -2.56 38.20 17.64
N THR C 210 -3.53 38.15 18.55
CA THR C 210 -3.80 39.14 19.59
C THR C 210 -4.80 40.22 19.18
N ALA C 211 -5.45 40.14 18.01
CA ALA C 211 -6.56 41.05 17.74
C ALA C 211 -7.21 40.70 16.43
N PHE C 212 -8.54 40.66 16.41
CA PHE C 212 -9.23 40.25 15.20
C PHE C 212 -10.62 40.85 15.10
N THR C 213 -11.09 40.97 13.85
CA THR C 213 -12.26 41.76 13.50
C THR C 213 -13.10 41.06 12.44
N LEU C 214 -14.40 41.04 12.68
CA LEU C 214 -15.42 40.54 11.77
C LEU C 214 -16.03 41.70 11.01
N THR C 215 -16.17 41.56 9.70
CA THR C 215 -16.71 42.63 8.86
C THR C 215 -17.90 42.11 8.07
N ILE C 216 -18.98 42.86 8.09
CA ILE C 216 -20.21 42.52 7.37
C ILE C 216 -20.49 43.66 6.40
N SER C 217 -20.60 43.34 5.12
CA SER C 217 -21.11 44.31 4.18
C SER C 217 -22.60 44.11 3.98
N ARG C 218 -23.36 45.20 4.08
CA ARG C 218 -24.80 45.20 3.87
C ARG C 218 -25.51 44.30 4.89
N LEU C 219 -25.41 44.69 6.15
CA LEU C 219 -26.14 43.97 7.18
C LEU C 219 -27.61 44.17 6.96
N GLU C 220 -28.37 43.10 7.12
CA GLU C 220 -29.79 43.14 6.88
C GLU C 220 -30.51 42.59 8.10
N ALA C 221 -31.83 42.53 8.01
CA ALA C 221 -32.58 41.86 9.07
C ALA C 221 -32.28 40.38 9.06
N GLU C 222 -32.39 39.76 10.23
CA GLU C 222 -31.92 38.41 10.49
C GLU C 222 -30.41 38.36 10.61
N ASP C 223 -29.72 39.47 10.39
CA ASP C 223 -28.34 39.60 10.86
C ASP C 223 -28.27 40.23 12.22
N VAL C 224 -29.40 40.59 12.79
CA VAL C 224 -29.49 40.99 14.19
C VAL C 224 -29.05 39.82 15.06
N GLY C 225 -28.44 40.12 16.20
CA GLY C 225 -28.17 39.07 17.15
C GLY C 225 -26.78 39.21 17.73
N VAL C 226 -26.32 38.15 18.40
CA VAL C 226 -25.06 38.19 19.13
C VAL C 226 -23.99 37.41 18.38
N TYR C 227 -22.82 38.03 18.24
CA TYR C 227 -21.65 37.47 17.60
C TYR C 227 -20.64 37.10 18.67
N TYR C 228 -20.21 35.85 18.67
CA TYR C 228 -19.31 35.31 19.67
C TYR C 228 -17.99 34.91 19.03
N CYS C 229 -16.95 34.91 19.84
CA CYS C 229 -15.65 34.45 19.41
C CYS C 229 -15.12 33.39 20.36
N MET C 230 -14.55 32.34 19.78
CA MET C 230 -14.01 31.18 20.48
C MET C 230 -12.58 30.95 20.00
N GLN C 231 -11.74 30.41 20.86
CA GLN C 231 -10.43 29.94 20.43
C GLN C 231 -10.47 28.43 20.38
N HIS C 232 -9.75 27.85 19.42
CA HIS C 232 -9.60 26.40 19.40
C HIS C 232 -8.12 26.07 19.28
N LEU C 233 -7.28 26.96 19.81
CA LEU C 233 -5.84 26.75 19.79
C LEU C 233 -5.44 25.65 20.75
N GLU C 234 -6.14 25.55 21.88
CA GLU C 234 -5.79 24.49 22.87
C GLU C 234 -6.87 24.40 23.95
N TYR C 235 -7.47 23.22 24.10
CA TYR C 235 -8.52 22.99 25.15
C TYR C 235 -7.89 23.55 26.43
N PRO C 236 -8.67 24.28 27.23
CA PRO C 236 -10.10 24.47 27.02
C PRO C 236 -10.40 25.55 25.97
N LEU C 237 -11.58 25.41 25.37
CA LEU C 237 -12.07 26.43 24.46
C LEU C 237 -12.73 27.53 25.27
N THR C 238 -12.29 28.76 25.06
CA THR C 238 -12.78 29.89 25.82
C THR C 238 -13.54 30.83 24.89
N PHE C 239 -14.60 31.40 25.39
CA PHE C 239 -15.50 32.22 24.61
C PHE C 239 -15.51 33.67 25.09
N GLY C 240 -15.73 34.57 24.16
CA GLY C 240 -15.91 35.96 24.49
C GLY C 240 -17.32 36.27 24.90
N ALA C 241 -17.52 37.50 25.35
CA ALA C 241 -18.85 37.90 25.78
C ALA C 241 -19.80 38.05 24.61
N GLY C 242 -19.28 38.37 23.44
CA GLY C 242 -20.11 38.52 22.26
C GLY C 242 -20.75 39.89 22.14
N THR C 243 -20.70 40.48 20.95
CA THR C 243 -21.29 41.78 20.70
C THR C 243 -22.69 41.60 20.13
N LYS C 244 -23.62 42.43 20.59
CA LYS C 244 -24.99 42.37 20.11
C LYS C 244 -25.24 43.45 19.06
N LEU C 245 -25.70 43.03 17.89
CA LEU C 245 -26.05 43.92 16.80
C LEU C 245 -27.56 44.09 16.83
N GLU C 246 -27.99 45.33 17.04
CA GLU C 246 -29.39 45.67 17.31
C GLU C 246 -29.83 46.69 16.28
N LEU C 247 -30.97 46.43 15.64
CA LEU C 247 -31.54 47.40 14.73
C LEU C 247 -32.52 48.33 15.45
N THR D 6 -20.44 -2.02 -46.91
CA THR D 6 -21.41 -1.45 -45.97
C THR D 6 -20.70 -0.82 -44.77
N ALA D 7 -20.47 -1.64 -43.73
CA ALA D 7 -19.77 -1.14 -42.55
C ALA D 7 -18.34 -0.74 -42.88
N SER D 8 -17.68 -1.52 -43.73
CA SER D 8 -16.31 -1.19 -44.15
C SER D 8 -16.28 0.13 -44.89
N ILE D 9 -17.27 0.37 -45.76
CA ILE D 9 -17.32 1.63 -46.49
C ILE D 9 -17.48 2.81 -45.54
N ALA D 10 -18.37 2.68 -44.54
CA ALA D 10 -18.56 3.76 -43.59
C ALA D 10 -17.31 3.99 -42.75
N GLN D 11 -16.64 2.91 -42.32
CA GLN D 11 -15.40 3.07 -41.56
C GLN D 11 -14.33 3.76 -42.39
N ALA D 12 -14.18 3.36 -43.64
CA ALA D 12 -13.19 3.98 -44.51
C ALA D 12 -13.51 5.45 -44.75
N ARG D 13 -14.79 5.77 -44.95
CA ARG D 13 -15.17 7.17 -45.14
C ARG D 13 -14.88 7.99 -43.90
N LYS D 14 -15.16 7.45 -42.72
CA LYS D 14 -14.87 8.17 -41.48
C LYS D 14 -13.37 8.39 -41.32
N LEU D 15 -12.57 7.37 -41.61
CA LEU D 15 -11.11 7.52 -41.50
C LEU D 15 -10.61 8.57 -42.48
N VAL D 16 -11.13 8.55 -43.71
CA VAL D 16 -10.70 9.53 -44.71
C VAL D 16 -11.07 10.94 -44.27
N GLU D 17 -12.28 11.12 -43.75
CA GLU D 17 -12.69 12.44 -43.27
C GLU D 17 -11.81 12.91 -42.12
N GLN D 18 -11.48 12.00 -41.20
CA GLN D 18 -10.64 12.39 -40.07
C GLN D 18 -9.24 12.76 -40.51
N LEU D 19 -8.67 11.97 -41.43
CA LEU D 19 -7.35 12.32 -41.95
C LEU D 19 -7.38 13.65 -42.68
N LYS D 20 -8.45 13.89 -43.45
CA LYS D 20 -8.57 15.16 -44.16
C LYS D 20 -8.64 16.33 -43.19
N MET D 21 -9.39 16.17 -42.10
CA MET D 21 -9.49 17.24 -41.12
C MET D 21 -8.17 17.44 -40.39
N GLU D 22 -7.40 16.37 -40.22
CA GLU D 22 -6.13 16.49 -39.51
C GLU D 22 -5.02 17.09 -40.37
N ALA D 23 -5.02 16.80 -41.67
CA ALA D 23 -3.91 17.25 -42.52
C ALA D 23 -3.93 18.76 -42.71
N ASN D 24 -5.10 19.37 -42.68
CA ASN D 24 -5.24 20.80 -42.94
C ASN D 24 -4.93 21.66 -41.73
N ILE D 25 -4.20 21.14 -40.75
CA ILE D 25 -3.87 21.91 -39.55
C ILE D 25 -2.52 22.59 -39.75
N ASP D 26 -2.46 23.88 -39.46
CA ASP D 26 -1.21 24.62 -39.58
C ASP D 26 -0.18 24.13 -38.57
N ARG D 27 1.05 24.00 -39.02
CA ARG D 27 2.14 23.50 -38.19
C ARG D 27 3.27 24.51 -38.17
N ILE D 28 3.94 24.59 -37.02
CA ILE D 28 5.08 25.49 -36.85
C ILE D 28 6.35 24.64 -36.89
N LYS D 29 7.47 25.32 -37.14
CA LYS D 29 8.74 24.63 -37.23
C LYS D 29 9.13 24.03 -35.90
N VAL D 30 9.85 22.91 -35.96
CA VAL D 30 10.31 22.26 -34.74
C VAL D 30 11.24 23.18 -33.95
N SER D 31 12.09 23.94 -34.65
CA SER D 31 13.02 24.81 -33.97
C SER D 31 12.30 25.88 -33.16
N LYS D 32 11.23 26.46 -33.72
CA LYS D 32 10.46 27.46 -32.99
C LYS D 32 9.77 26.87 -31.77
N ALA D 33 9.20 25.66 -31.90
CA ALA D 33 8.55 25.02 -30.76
C ALA D 33 9.57 24.64 -29.69
N ALA D 34 10.74 24.18 -30.10
CA ALA D 34 11.82 23.91 -29.16
C ALA D 34 12.27 25.17 -28.44
N ALA D 35 12.38 26.28 -29.17
CA ALA D 35 12.73 27.54 -28.53
C ALA D 35 11.65 27.97 -27.55
N ASP D 36 10.39 27.76 -27.89
CA ASP D 36 9.31 28.10 -26.97
C ASP D 36 9.38 27.26 -25.69
N LEU D 37 9.66 25.96 -25.83
CA LEU D 37 9.82 25.11 -24.66
C LEU D 37 10.98 25.58 -23.78
N MET D 38 12.12 25.88 -24.39
CA MET D 38 13.25 26.35 -23.60
C MET D 38 12.92 27.66 -22.92
N ALA D 39 12.21 28.54 -23.62
CA ALA D 39 11.81 29.81 -23.03
C ALA D 39 10.95 29.58 -21.80
N TYR D 40 10.00 28.66 -21.87
CA TYR D 40 9.18 28.38 -20.70
C TYR D 40 10.01 27.83 -19.56
N CYS D 41 10.90 26.88 -19.86
CA CYS D 41 11.66 26.24 -18.78
C CYS D 41 12.62 27.21 -18.10
N GLU D 42 13.18 28.14 -18.87
CA GLU D 42 14.10 29.10 -18.27
C GLU D 42 13.36 30.25 -17.60
N ALA D 43 12.17 30.56 -18.09
CA ALA D 43 11.41 31.67 -17.52
C ALA D 43 10.95 31.35 -16.11
N HIS D 44 10.63 30.09 -15.83
CA HIS D 44 10.13 29.68 -14.52
C HIS D 44 11.12 28.82 -13.77
N ALA D 45 12.42 29.01 -14.04
CA ALA D 45 13.44 28.19 -13.39
C ALA D 45 13.58 28.55 -11.92
N LYS D 46 13.37 29.82 -11.58
CA LYS D 46 13.53 30.23 -10.20
C LYS D 46 12.33 29.86 -9.33
N GLU D 47 11.23 29.42 -9.93
CA GLU D 47 10.03 29.03 -9.20
C GLU D 47 9.81 27.52 -9.16
N ASP D 48 10.79 26.73 -9.59
CA ASP D 48 10.65 25.29 -9.66
C ASP D 48 11.42 24.67 -8.50
N PRO D 49 10.76 24.19 -7.45
CA PRO D 49 11.49 23.71 -6.28
C PRO D 49 11.99 22.28 -6.38
N LEU D 50 11.82 21.60 -7.51
CA LEU D 50 12.48 20.32 -7.74
C LEU D 50 13.77 20.49 -8.53
N LEU D 51 13.79 21.44 -9.46
CA LEU D 51 15.02 21.82 -10.14
C LEU D 51 15.97 22.54 -9.19
N THR D 52 15.48 23.58 -8.52
CA THR D 52 16.27 24.39 -7.59
C THR D 52 15.64 24.25 -6.22
N PRO D 53 16.18 23.39 -5.37
CA PRO D 53 15.55 23.15 -4.07
C PRO D 53 15.47 24.41 -3.24
N VAL D 54 14.35 24.60 -2.57
CA VAL D 54 14.13 25.76 -1.73
C VAL D 54 14.80 25.52 -0.39
N PRO D 55 15.12 26.55 0.37
CA PRO D 55 15.66 26.33 1.72
C PRO D 55 14.67 25.59 2.58
N ALA D 56 15.19 24.85 3.55
CA ALA D 56 14.34 24.03 4.41
C ALA D 56 13.28 24.86 5.13
N SER D 57 13.56 26.14 5.40
CA SER D 57 12.60 26.97 6.12
C SER D 57 11.32 27.19 5.34
N GLU D 58 11.41 27.26 4.01
CA GLU D 58 10.23 27.44 3.17
C GLU D 58 9.66 26.13 2.68
N ASN D 59 10.24 25.00 3.10
CA ASN D 59 9.88 23.70 2.57
C ASN D 59 8.85 23.06 3.48
N PRO D 60 7.66 22.69 2.99
CA PRO D 60 6.67 22.06 3.86
C PRO D 60 6.93 20.61 4.16
N PHE D 61 7.79 19.94 3.41
CA PHE D 61 8.07 18.53 3.64
C PHE D 61 9.38 18.31 4.38
N ARG D 62 9.99 19.37 4.90
CA ARG D 62 11.20 19.24 5.71
C ARG D 62 10.85 19.34 7.20
N THR E 567 40.62 -24.67 25.19
CA THR E 567 41.37 -25.66 24.43
C THR E 567 40.59 -26.10 23.19
N SER E 568 40.16 -27.35 23.19
CA SER E 568 39.38 -27.87 22.07
C SER E 568 37.97 -27.32 22.11
N PHE E 569 37.33 -27.27 20.95
CA PHE E 569 35.94 -26.83 20.87
C PHE E 569 35.04 -27.78 21.62
N SER E 570 35.46 -29.02 21.76
CA SER E 570 34.65 -30.02 22.44
C SER E 570 34.33 -29.61 23.86
N ILE E 571 35.13 -28.71 24.44
CA ILE E 571 34.91 -28.30 25.82
C ILE E 571 33.56 -27.64 25.98
N LEU E 572 32.92 -27.25 24.89
CA LEU E 572 31.59 -26.68 25.03
C LEU E 572 30.60 -27.69 25.59
N MET E 573 30.88 -28.98 25.46
CA MET E 573 29.92 -29.98 25.90
C MET E 573 30.59 -31.15 26.60
N SER E 574 31.89 -31.29 26.46
CA SER E 574 32.53 -32.52 26.92
C SER E 574 32.94 -32.42 28.39
N PRO E 575 32.43 -33.29 29.26
CA PRO E 575 32.93 -33.33 30.64
C PRO E 575 34.40 -33.57 30.70
N PHE E 576 34.92 -34.39 29.81
CA PHE E 576 36.34 -34.70 29.75
C PHE E 576 36.74 -34.57 28.30
N VAL E 577 37.94 -34.06 28.07
CA VAL E 577 38.55 -34.11 26.75
C VAL E 577 39.66 -35.13 26.82
N PRO E 578 39.68 -36.14 25.95
CA PRO E 578 40.83 -37.04 25.93
C PRO E 578 42.09 -36.26 25.62
N SER E 579 43.17 -36.60 26.32
CA SER E 579 44.40 -35.85 26.20
C SER E 579 45.15 -36.11 24.91
N THR E 580 45.14 -37.33 24.43
CA THR E 580 46.00 -37.71 23.31
C THR E 580 45.71 -36.92 22.04
N ILE E 581 44.70 -36.05 22.05
CA ILE E 581 44.25 -35.38 20.84
C ILE E 581 44.53 -33.88 20.86
N PHE E 582 44.87 -33.32 22.02
CA PHE E 582 45.03 -31.86 22.08
C PHE E 582 45.94 -31.29 21.01
N PRO E 583 47.14 -31.80 20.76
CA PRO E 583 48.02 -31.14 19.79
C PRO E 583 47.39 -31.00 18.43
N VAL E 584 46.37 -31.77 18.13
CA VAL E 584 45.66 -31.68 16.86
C VAL E 584 44.34 -30.98 17.01
N VAL E 585 43.43 -31.53 17.83
CA VAL E 585 42.07 -31.00 17.88
C VAL E 585 42.07 -29.55 18.25
N LYS E 586 42.83 -29.18 19.28
CA LYS E 586 43.04 -27.78 19.63
C LYS E 586 43.30 -26.94 18.39
N TRP E 587 44.36 -27.26 17.65
CA TRP E 587 44.66 -26.50 16.44
C TRP E 587 43.44 -26.48 15.53
N ILE E 588 42.89 -27.66 15.22
CA ILE E 588 41.67 -27.73 14.42
C ILE E 588 40.65 -26.74 14.96
N THR E 589 40.31 -26.89 16.25
CA THR E 589 39.37 -25.98 16.87
C THR E 589 39.69 -24.55 16.48
N TYR E 590 40.87 -24.08 16.85
CA TYR E 590 41.16 -22.68 16.62
C TYR E 590 41.07 -22.33 15.16
N VAL E 591 41.65 -23.15 14.28
CA VAL E 591 41.66 -22.74 12.88
C VAL E 591 40.24 -22.63 12.39
N GLY E 592 39.38 -23.57 12.78
CA GLY E 592 37.99 -23.46 12.42
C GLY E 592 37.41 -22.13 12.87
N LEU E 593 37.56 -21.83 14.16
CA LEU E 593 37.05 -20.57 14.67
C LEU E 593 37.52 -19.43 13.81
N GLY E 594 38.82 -19.43 13.47
CA GLY E 594 39.32 -18.39 12.58
C GLY E 594 38.42 -18.21 11.39
N ILE E 595 38.37 -19.22 10.52
CA ILE E 595 37.57 -19.04 9.32
C ILE E 595 36.15 -18.72 9.70
N SER E 596 35.61 -19.43 10.70
CA SER E 596 34.24 -19.16 11.11
C SER E 596 34.07 -17.69 11.42
N ILE E 597 34.93 -17.17 12.29
CA ILE E 597 34.82 -15.76 12.63
C ILE E 597 34.93 -14.93 11.37
N GLY E 598 35.95 -15.18 10.58
CA GLY E 598 36.08 -14.45 9.33
C GLY E 598 34.87 -14.64 8.46
N SER E 599 34.44 -15.89 8.29
CA SER E 599 33.28 -16.16 7.46
C SER E 599 32.09 -15.38 7.98
N LEU E 600 31.90 -15.35 9.30
CA LEU E 600 30.75 -14.67 9.86
C LEU E 600 30.80 -13.19 9.56
N ILE E 601 32.00 -12.59 9.60
CA ILE E 601 32.11 -11.18 9.19
C ILE E 601 31.58 -11.02 7.78
N LEU E 602 32.05 -11.86 6.87
CA LEU E 602 31.55 -11.80 5.50
C LEU E 602 30.05 -11.91 5.48
N CYS E 603 29.48 -12.79 6.30
CA CYS E 603 28.04 -12.93 6.35
C CYS E 603 27.39 -11.59 6.67
N LEU E 604 27.84 -10.96 7.76
CA LEU E 604 27.23 -9.69 8.15
C LEU E 604 27.56 -8.61 7.14
N ILE E 605 28.58 -8.83 6.33
CA ILE E 605 28.82 -7.95 5.19
C ILE E 605 27.93 -8.35 4.03
N ILE E 606 27.89 -9.64 3.69
CA ILE E 606 27.22 -10.08 2.47
C ILE E 606 25.75 -9.70 2.50
N GLU E 607 25.07 -10.01 3.61
CA GLU E 607 23.68 -9.59 3.75
C GLU E 607 23.56 -8.07 3.65
N ALA E 608 24.44 -7.34 4.32
CA ALA E 608 24.41 -5.89 4.26
C ALA E 608 24.59 -5.40 2.83
N LEU E 609 25.16 -6.23 1.97
CA LEU E 609 25.33 -5.84 0.57
C LEU E 609 24.13 -6.24 -0.28
N PHE E 610 23.42 -7.30 0.09
CA PHE E 610 22.42 -7.87 -0.80
C PHE E 610 21.08 -8.19 -0.16
N TRP E 611 20.88 -7.90 1.13
CA TRP E 611 19.59 -8.17 1.75
C TRP E 611 18.49 -7.31 1.12
N LYS E 612 18.77 -6.03 0.88
CA LYS E 612 17.78 -5.12 0.32
C LYS E 612 17.66 -5.22 -1.20
N GLN E 613 18.55 -5.96 -1.86
CA GLN E 613 18.50 -6.10 -3.31
C GLN E 613 17.75 -7.37 -3.71
N LYS E 616 10.32 -11.28 -0.58
CA LYS E 616 9.15 -10.87 -1.35
C LYS E 616 7.88 -11.03 -0.52
N SER E 617 8.02 -11.61 0.66
CA SER E 617 6.88 -11.86 1.54
C SER E 617 7.40 -12.00 2.97
N GLN E 618 6.50 -12.43 3.87
CA GLN E 618 6.93 -12.71 5.23
C GLN E 618 7.95 -13.83 5.27
N THR E 619 7.90 -14.73 4.29
CA THR E 619 8.75 -15.91 4.27
C THR E 619 10.21 -15.52 4.28
N SER E 620 10.67 -14.90 3.20
CA SER E 620 12.07 -14.54 3.07
C SER E 620 12.47 -13.56 4.16
N HIS E 621 11.56 -12.69 4.55
CA HIS E 621 11.90 -11.69 5.56
C HIS E 621 12.22 -12.35 6.89
N THR E 622 11.37 -13.26 7.36
CA THR E 622 11.64 -13.91 8.63
C THR E 622 12.83 -14.87 8.54
N ARG E 623 13.02 -15.53 7.39
CA ARG E 623 14.24 -16.32 7.25
C ARG E 623 15.50 -15.46 7.31
N ARG E 624 15.49 -14.30 6.66
CA ARG E 624 16.66 -13.44 6.69
C ARG E 624 16.89 -12.88 8.07
N ILE E 625 15.82 -12.59 8.80
CA ILE E 625 15.97 -12.19 10.20
C ILE E 625 16.68 -13.28 10.98
N CYS E 626 16.22 -14.52 10.87
CA CYS E 626 16.83 -15.59 11.65
C CYS E 626 18.26 -15.86 11.20
N MET E 627 18.51 -15.78 9.90
CA MET E 627 19.87 -15.96 9.41
C MET E 627 20.82 -14.90 9.95
N VAL E 628 20.39 -13.64 9.93
CA VAL E 628 21.25 -12.55 10.42
C VAL E 628 21.45 -12.66 11.92
N ASN E 629 20.39 -12.95 12.67
CA ASN E 629 20.55 -13.16 14.11
C ASN E 629 21.48 -14.32 14.41
N ILE E 630 21.41 -15.42 13.65
CA ILE E 630 22.23 -16.59 13.94
C ILE E 630 23.68 -16.32 13.60
N ALA E 631 23.91 -15.66 12.46
CA ALA E 631 25.28 -15.28 12.11
C ALA E 631 25.84 -14.32 13.14
N LEU E 632 25.02 -13.39 13.63
CA LEU E 632 25.45 -12.46 14.66
C LEU E 632 25.82 -13.21 15.95
N SER E 633 24.94 -14.09 16.42
CA SER E 633 25.24 -14.82 17.64
C SER E 633 26.48 -15.67 17.48
N LEU E 634 26.64 -16.34 16.35
CA LEU E 634 27.81 -17.18 16.17
C LEU E 634 29.08 -16.36 16.08
N LEU E 635 29.04 -15.20 15.41
CA LEU E 635 30.23 -14.37 15.33
C LEU E 635 30.69 -13.92 16.70
N ILE E 636 29.78 -13.31 17.48
CA ILE E 636 30.21 -12.83 18.78
C ILE E 636 30.50 -13.98 19.74
N ALA E 637 29.79 -15.10 19.60
CA ALA E 637 30.08 -16.23 20.47
C ALA E 637 31.45 -16.83 20.16
N ASP E 638 31.80 -16.89 18.88
CA ASP E 638 33.12 -17.38 18.51
C ASP E 638 34.22 -16.47 19.01
N VAL E 639 34.02 -15.16 18.89
CA VAL E 639 35.01 -14.22 19.41
C VAL E 639 35.11 -14.37 20.92
N TRP E 640 33.98 -14.48 21.59
CA TRP E 640 34.01 -14.64 23.04
C TRP E 640 34.71 -15.93 23.43
N PHE E 641 34.54 -17.00 22.67
CA PHE E 641 35.21 -18.25 23.03
C PHE E 641 36.70 -18.13 22.81
N ILE E 642 37.11 -17.44 21.73
CA ILE E 642 38.54 -17.32 21.52
C ILE E 642 39.17 -16.48 22.60
N VAL E 643 38.47 -15.46 23.10
CA VAL E 643 39.04 -14.67 24.18
C VAL E 643 39.00 -15.44 25.49
N GLY E 644 38.00 -16.31 25.66
CA GLY E 644 37.95 -17.12 26.86
C GLY E 644 38.99 -18.22 26.85
N ALA E 645 39.49 -18.56 25.67
CA ALA E 645 40.57 -19.55 25.60
C ALA E 645 41.86 -19.00 26.17
N THR E 646 42.01 -17.68 26.21
CA THR E 646 43.22 -17.04 26.69
C THR E 646 43.09 -16.52 28.12
N VAL E 647 41.92 -16.66 28.74
CA VAL E 647 41.69 -16.18 30.10
C VAL E 647 41.86 -17.34 31.07
N ASP E 648 42.68 -17.14 32.09
CA ASP E 648 42.94 -18.14 33.11
C ASP E 648 41.74 -18.26 34.05
N THR E 649 41.85 -19.16 35.02
CA THR E 649 40.80 -19.38 36.00
C THR E 649 41.25 -19.26 37.44
N THR E 650 42.52 -19.49 37.74
CA THR E 650 43.00 -19.55 39.12
C THR E 650 43.38 -18.17 39.68
N VAL E 651 43.33 -17.12 38.88
CA VAL E 651 43.75 -15.79 39.31
C VAL E 651 42.59 -14.80 39.34
N ASN E 652 41.38 -15.25 38.99
CA ASN E 652 40.19 -14.38 38.96
C ASN E 652 39.06 -15.07 39.69
N PRO E 653 38.98 -14.91 41.02
CA PRO E 653 37.82 -15.44 41.76
C PRO E 653 36.50 -14.89 41.27
N SER E 654 36.48 -13.65 40.78
CA SER E 654 35.31 -13.09 40.13
C SER E 654 35.77 -12.06 39.12
N GLY E 655 34.93 -11.79 38.13
CA GLY E 655 35.24 -10.80 37.12
C GLY E 655 35.29 -11.32 35.70
N VAL E 656 36.48 -11.30 35.09
CA VAL E 656 36.60 -11.54 33.65
C VAL E 656 36.28 -12.98 33.29
N CYS E 657 36.68 -13.94 34.12
CA CYS E 657 36.49 -15.34 33.72
C CYS E 657 35.02 -15.72 33.74
N THR E 658 34.31 -15.41 34.82
CA THR E 658 32.88 -15.69 34.83
C THR E 658 32.14 -14.86 33.77
N ALA E 659 32.64 -13.66 33.47
CA ALA E 659 32.05 -12.88 32.38
C ALA E 659 32.19 -13.61 31.05
N ALA E 660 33.37 -14.13 30.76
CA ALA E 660 33.55 -14.88 29.52
C ALA E 660 32.70 -16.13 29.51
N VAL E 661 32.62 -16.85 30.63
CA VAL E 661 31.79 -18.04 30.69
C VAL E 661 30.33 -17.69 30.41
N PHE E 662 29.81 -16.66 31.09
CA PHE E 662 28.42 -16.29 30.90
C PHE E 662 28.15 -15.75 29.50
N PHE E 663 29.08 -14.99 28.93
CA PHE E 663 28.81 -14.46 27.59
C PHE E 663 28.85 -15.60 26.58
N THR E 664 29.87 -16.44 26.62
CA THR E 664 29.85 -17.65 25.84
C THR E 664 28.54 -18.40 26.01
N HIS E 665 28.09 -18.58 27.25
CA HIS E 665 26.90 -19.39 27.50
C HIS E 665 25.66 -18.75 26.92
N PHE E 666 25.38 -17.52 27.31
CA PHE E 666 24.17 -16.85 26.85
C PHE E 666 24.17 -16.71 25.33
N PHE E 667 25.33 -16.44 24.73
CA PHE E 667 25.36 -16.23 23.29
C PHE E 667 25.25 -17.53 22.50
N TYR E 668 25.88 -18.60 22.96
CA TYR E 668 25.65 -19.88 22.30
C TYR E 668 24.20 -20.32 22.45
N LEU E 669 23.59 -20.10 23.61
CA LEU E 669 22.18 -20.44 23.74
C LEU E 669 21.30 -19.51 22.91
N SER E 670 21.74 -18.27 22.69
CA SER E 670 21.09 -17.40 21.71
C SER E 670 21.12 -18.01 20.31
N LEU E 671 22.28 -18.49 19.91
CA LEU E 671 22.42 -19.18 18.63
C LEU E 671 21.41 -20.29 18.52
N PHE E 672 21.39 -21.16 19.51
CA PHE E 672 20.54 -22.35 19.45
C PHE E 672 19.07 -22.00 19.47
N PHE E 673 18.69 -20.95 20.19
CA PHE E 673 17.28 -20.63 20.25
C PHE E 673 16.80 -19.88 19.01
N TRP E 674 17.64 -19.05 18.40
CA TRP E 674 17.30 -18.54 17.07
C TRP E 674 17.15 -19.66 16.05
N MET E 675 18.03 -20.67 16.12
CA MET E 675 17.91 -21.82 15.24
C MET E 675 16.60 -22.55 15.47
N LEU E 676 16.17 -22.68 16.74
CA LEU E 676 14.86 -23.28 16.98
C LEU E 676 13.75 -22.41 16.41
N MET E 677 13.92 -21.10 16.44
CA MET E 677 12.91 -20.23 15.87
C MET E 677 12.73 -20.51 14.38
N LEU E 678 13.85 -20.66 13.65
CA LEU E 678 13.75 -21.00 12.24
C LEU E 678 13.13 -22.37 12.02
N GLY E 679 13.50 -23.35 12.84
CA GLY E 679 12.88 -24.66 12.71
C GLY E 679 11.38 -24.66 12.93
N ILE E 680 10.92 -23.94 13.96
CA ILE E 680 9.50 -23.86 14.22
C ILE E 680 8.80 -23.09 13.12
N LEU E 681 9.50 -22.13 12.51
CA LEU E 681 9.00 -21.50 11.28
C LEU E 681 8.67 -22.55 10.22
N LEU E 682 9.62 -23.42 9.92
CA LEU E 682 9.40 -24.44 8.90
C LEU E 682 8.24 -25.35 9.27
N ALA E 683 8.20 -25.81 10.51
CA ALA E 683 7.11 -26.70 10.92
C ALA E 683 5.77 -26.01 10.85
N TYR E 684 5.74 -24.74 11.23
CA TYR E 684 4.52 -23.95 11.22
C TYR E 684 4.00 -23.76 9.81
N ARG E 685 4.90 -23.67 8.84
CA ARG E 685 4.44 -23.45 7.48
C ARG E 685 4.24 -24.75 6.71
N ILE E 686 4.67 -25.86 7.29
CA ILE E 686 4.16 -27.16 6.82
C ILE E 686 2.74 -27.39 7.32
N ILE E 687 2.53 -27.30 8.63
CA ILE E 687 1.27 -27.75 9.21
C ILE E 687 0.20 -26.69 9.08
N LEU E 688 0.41 -25.53 9.72
CA LEU E 688 -0.55 -24.44 9.69
C LEU E 688 -0.33 -23.61 8.42
N VAL E 689 -0.42 -24.30 7.28
CA VAL E 689 -0.09 -23.68 6.00
C VAL E 689 -1.10 -22.59 5.67
N PHE E 690 -2.36 -22.80 6.07
CA PHE E 690 -3.44 -21.83 5.84
C PHE E 690 -3.64 -21.00 7.10
N HIS E 691 -2.56 -20.36 7.52
CA HIS E 691 -2.59 -19.59 8.77
C HIS E 691 -1.57 -18.47 8.67
N HIS E 692 -1.97 -17.28 9.11
CA HIS E 692 -1.09 -16.13 9.08
C HIS E 692 -1.20 -15.36 10.39
N MET E 693 -0.03 -15.04 10.93
CA MET E 693 0.09 -14.09 12.02
C MET E 693 1.02 -12.98 11.55
N ALA E 694 0.77 -11.78 12.05
CA ALA E 694 1.42 -10.59 11.51
C ALA E 694 2.93 -10.67 11.68
N GLN E 695 3.65 -9.92 10.83
CA GLN E 695 5.11 -9.91 10.89
C GLN E 695 5.61 -9.44 12.25
N HIS E 696 4.99 -8.40 12.82
CA HIS E 696 5.46 -7.90 14.09
C HIS E 696 5.29 -8.93 15.20
N LEU E 697 4.19 -9.66 15.21
CA LEU E 697 4.04 -10.74 16.20
C LEU E 697 5.08 -11.83 15.99
N MET E 698 5.38 -12.17 14.74
CA MET E 698 6.42 -13.15 14.46
C MET E 698 7.75 -12.70 15.03
N MET E 699 8.15 -11.46 14.76
CA MET E 699 9.42 -10.96 15.29
C MET E 699 9.39 -10.89 16.80
N ALA E 700 8.25 -10.52 17.38
CA ALA E 700 8.15 -10.43 18.83
C ALA E 700 8.37 -11.79 19.46
N VAL E 701 7.71 -12.83 18.95
CA VAL E 701 7.90 -14.16 19.52
C VAL E 701 9.32 -14.64 19.28
N GLY E 702 9.87 -14.36 18.10
CA GLY E 702 11.22 -14.80 17.79
C GLY E 702 12.25 -14.19 18.72
N PHE E 703 12.13 -12.91 19.02
CA PHE E 703 13.09 -12.29 19.92
C PHE E 703 12.80 -12.67 21.37
N CYS E 704 11.54 -12.91 21.72
CA CYS E 704 11.22 -13.28 23.09
C CYS E 704 11.74 -14.67 23.42
N LEU E 705 11.77 -15.57 22.44
CA LEU E 705 12.23 -16.93 22.72
C LEU E 705 13.70 -17.10 22.36
N GLY E 706 14.13 -16.53 21.24
CA GLY E 706 15.51 -16.71 20.80
C GLY E 706 16.51 -16.07 21.74
N TYR E 707 16.21 -14.87 22.22
CA TYR E 707 17.03 -14.21 23.21
C TYR E 707 16.52 -14.30 24.62
N GLY E 708 15.20 -14.33 24.83
CA GLY E 708 14.69 -14.30 26.18
C GLY E 708 15.05 -15.55 26.97
N CYS E 709 14.91 -16.71 26.34
CA CYS E 709 15.20 -17.96 27.04
C CYS E 709 16.65 -18.04 27.50
N PRO E 710 17.65 -17.73 26.67
CA PRO E 710 19.04 -17.76 27.17
C PRO E 710 19.30 -16.76 28.28
N LEU E 711 18.71 -15.57 28.25
CA LEU E 711 18.90 -14.64 29.35
C LEU E 711 18.33 -15.20 30.64
N ILE E 712 17.08 -15.66 30.62
CA ILE E 712 16.47 -16.20 31.83
C ILE E 712 17.27 -17.39 32.35
N ILE E 713 17.59 -18.34 31.46
CA ILE E 713 18.23 -19.58 31.89
C ILE E 713 19.64 -19.31 32.40
N SER E 714 20.40 -18.47 31.70
CA SER E 714 21.77 -18.19 32.12
C SER E 714 21.82 -17.36 33.40
N VAL E 715 20.88 -16.44 33.58
CA VAL E 715 20.81 -15.69 34.84
C VAL E 715 20.51 -16.64 36.00
N ILE E 716 19.54 -17.55 35.81
CA ILE E 716 19.27 -18.54 36.84
C ILE E 716 20.51 -19.40 37.11
N THR E 717 21.20 -19.81 36.04
CA THR E 717 22.38 -20.65 36.18
C THR E 717 23.47 -19.97 37.00
N ILE E 718 23.84 -18.75 36.62
CA ILE E 718 24.92 -18.07 37.33
C ILE E 718 24.51 -17.75 38.76
N ALA E 719 23.25 -17.33 38.96
CA ALA E 719 22.80 -16.99 40.30
C ALA E 719 22.82 -18.20 41.22
N VAL E 720 22.50 -19.38 40.71
CA VAL E 720 22.47 -20.56 41.58
C VAL E 720 23.86 -21.17 41.74
N THR E 721 24.74 -21.03 40.75
CA THR E 721 26.02 -21.72 40.78
C THR E 721 27.19 -20.88 41.26
N GLN E 722 27.09 -19.55 41.25
CA GLN E 722 28.19 -18.69 41.66
C GLN E 722 28.61 -18.86 43.12
N PRO E 723 27.69 -18.91 44.09
CA PRO E 723 28.13 -18.98 45.49
C PRO E 723 28.97 -20.19 45.81
N SER E 724 28.75 -21.33 45.14
CA SER E 724 29.46 -22.56 45.43
C SER E 724 30.69 -22.76 44.55
N ASN E 725 30.97 -21.84 43.63
CA ASN E 725 32.15 -21.90 42.76
C ASN E 725 32.26 -23.24 42.02
N THR E 726 31.12 -23.71 41.51
CA THR E 726 31.10 -24.79 40.54
C THR E 726 30.74 -24.31 39.14
N TYR E 727 30.29 -23.06 39.02
CA TYR E 727 29.90 -22.53 37.72
C TYR E 727 31.06 -22.58 36.74
N LYS E 728 32.25 -22.19 37.17
CA LYS E 728 33.41 -22.21 36.25
C LYS E 728 34.23 -23.44 36.42
N ARG E 729 35.03 -23.76 35.37
CA ARG E 729 35.91 -24.91 35.42
C ARG E 729 37.23 -24.52 36.06
N LYS E 730 38.01 -25.55 36.36
CA LYS E 730 39.37 -25.34 36.83
C LYS E 730 40.38 -25.26 35.70
N ASP E 731 40.00 -25.65 34.48
CA ASP E 731 40.95 -25.63 33.38
C ASP E 731 40.71 -24.48 32.41
N VAL E 732 39.48 -24.32 31.92
CA VAL E 732 39.14 -23.24 31.00
C VAL E 732 37.88 -22.56 31.51
N CYS E 733 37.67 -21.32 31.04
CA CYS E 733 36.55 -20.52 31.51
C CYS E 733 35.27 -21.00 30.84
N TRP E 734 34.73 -22.10 31.36
CA TRP E 734 33.46 -22.65 30.92
C TRP E 734 32.80 -23.37 32.09
N LEU E 735 31.60 -23.90 31.86
CA LEU E 735 30.82 -24.60 32.87
C LEU E 735 31.52 -25.88 33.32
N ASN E 736 31.55 -26.08 34.64
CA ASN E 736 32.09 -27.28 35.25
C ASN E 736 30.96 -28.22 35.64
N TRP E 737 31.31 -29.41 36.10
CA TRP E 737 30.39 -30.30 36.79
C TRP E 737 31.23 -31.41 37.42
N SER E 738 30.81 -31.88 38.60
CA SER E 738 31.52 -32.96 39.27
C SER E 738 30.58 -33.94 39.97
N ASN E 739 29.54 -34.42 39.27
CA ASN E 739 28.59 -35.39 39.81
C ASN E 739 27.76 -34.83 40.97
N GLY E 740 27.78 -33.51 41.12
CA GLY E 740 27.02 -32.83 42.14
C GLY E 740 26.16 -31.78 41.48
N SER E 741 26.32 -30.52 41.87
CA SER E 741 25.82 -29.44 41.04
C SER E 741 26.51 -29.52 39.67
N LYS E 742 25.71 -29.43 38.61
CA LYS E 742 26.19 -29.66 37.25
C LYS E 742 25.85 -28.46 36.39
N PRO E 743 26.68 -27.42 36.44
CA PRO E 743 26.44 -26.25 35.57
C PRO E 743 26.46 -26.56 34.09
N LEU E 744 27.13 -27.63 33.67
CA LEU E 744 27.16 -27.99 32.25
C LEU E 744 25.78 -28.31 31.71
N LEU E 745 24.91 -28.86 32.57
CA LEU E 745 23.53 -29.10 32.16
C LEU E 745 22.82 -27.84 31.74
N ALA E 746 23.28 -26.68 32.16
CA ALA E 746 22.66 -25.44 31.75
C ALA E 746 22.91 -25.12 30.28
N PHE E 747 23.70 -25.95 29.58
CA PHE E 747 23.91 -25.81 28.15
C PHE E 747 23.62 -27.08 27.37
N VAL E 748 24.10 -28.21 27.85
CA VAL E 748 23.86 -29.47 27.13
C VAL E 748 22.38 -29.78 27.08
N VAL E 749 21.68 -29.62 28.19
CA VAL E 749 20.26 -29.93 28.26
C VAL E 749 19.51 -29.04 27.27
N PRO E 750 19.65 -27.72 27.30
CA PRO E 750 18.98 -26.93 26.25
C PRO E 750 19.46 -27.26 24.86
N ALA E 751 20.76 -27.15 24.60
CA ALA E 751 21.25 -27.17 23.23
C ALA E 751 20.74 -28.36 22.46
N LEU E 752 21.13 -29.56 22.88
CA LEU E 752 20.72 -30.76 22.18
C LEU E 752 19.21 -30.86 22.04
N ALA E 753 18.46 -30.42 23.04
CA ALA E 753 17.01 -30.42 22.94
C ALA E 753 16.54 -29.66 21.71
N ILE E 754 16.99 -28.41 21.53
CA ILE E 754 16.69 -27.72 20.28
C ILE E 754 17.07 -28.60 19.10
N VAL E 755 18.30 -29.07 19.08
CA VAL E 755 18.75 -29.93 17.99
C VAL E 755 17.77 -31.06 17.77
N ALA E 756 17.36 -31.72 18.86
CA ALA E 756 16.45 -32.85 18.72
C ALA E 756 15.22 -32.45 17.91
N VAL E 757 14.54 -31.38 18.32
CA VAL E 757 13.33 -30.99 17.60
C VAL E 757 13.64 -30.70 16.14
N ASN E 758 14.76 -30.01 15.89
CA ASN E 758 15.09 -29.71 14.51
C ASN E 758 15.20 -30.97 13.68
N PHE E 759 15.81 -32.02 14.21
CA PHE E 759 15.93 -33.24 13.42
C PHE E 759 14.54 -33.69 13.00
N VAL E 760 13.60 -33.72 13.95
CA VAL E 760 12.22 -34.08 13.62
C VAL E 760 11.69 -33.18 12.53
N VAL E 761 11.84 -31.86 12.70
CA VAL E 761 11.35 -30.93 11.69
C VAL E 761 11.94 -31.25 10.34
N VAL E 762 13.24 -31.54 10.29
CA VAL E 762 13.84 -31.78 8.98
C VAL E 762 13.15 -32.97 8.33
N LEU E 763 12.91 -34.04 9.09
CA LEU E 763 12.21 -35.20 8.55
C LEU E 763 10.86 -34.78 7.98
N LEU E 764 10.11 -33.96 8.71
CA LEU E 764 8.83 -33.50 8.19
C LEU E 764 9.01 -32.77 6.87
N VAL E 765 9.99 -31.89 6.77
CA VAL E 765 10.27 -31.25 5.50
C VAL E 765 10.75 -32.27 4.49
N LEU E 766 11.55 -33.24 4.92
CA LEU E 766 11.96 -34.30 4.00
C LEU E 766 10.76 -35.11 3.54
N THR E 767 9.68 -35.12 4.31
CA THR E 767 8.47 -35.77 3.86
C THR E 767 7.84 -35.01 2.70
N LYS E 768 7.87 -33.69 2.74
CA LYS E 768 7.13 -32.90 1.78
C LYS E 768 7.93 -32.58 0.53
N LEU E 769 9.09 -33.18 0.34
CA LEU E 769 9.77 -33.07 -0.93
C LEU E 769 10.08 -34.45 -1.51
N ALA E 784 13.39 -35.24 -9.55
CA ALA E 784 14.12 -34.24 -8.79
C ALA E 784 13.83 -34.36 -7.30
N THR E 785 13.14 -35.43 -6.92
CA THR E 785 12.80 -35.63 -5.51
C THR E 785 14.04 -35.80 -4.66
N ILE E 786 14.94 -36.71 -5.05
CA ILE E 786 16.12 -36.97 -4.24
C ILE E 786 17.09 -35.79 -4.30
N ILE E 787 17.16 -35.11 -5.45
CA ILE E 787 18.02 -33.92 -5.55
C ILE E 787 17.55 -32.85 -4.58
N ARG E 788 16.23 -32.61 -4.56
CA ARG E 788 15.67 -31.67 -3.60
C ARG E 788 15.91 -32.14 -2.17
N VAL E 789 15.81 -33.45 -1.93
CA VAL E 789 15.99 -33.96 -0.58
C VAL E 789 17.41 -33.71 -0.10
N GLY E 790 18.40 -34.00 -0.94
CA GLY E 790 19.78 -33.72 -0.56
C GLY E 790 20.02 -32.24 -0.37
N LYS E 791 19.49 -31.41 -1.27
CA LYS E 791 19.69 -29.98 -1.13
C LYS E 791 19.07 -29.45 0.14
N SER E 792 17.86 -29.91 0.47
CA SER E 792 17.20 -29.51 1.70
C SER E 792 18.01 -29.92 2.92
N LEU E 793 18.42 -31.18 2.97
CA LEU E 793 19.14 -31.66 4.13
C LEU E 793 20.42 -30.89 4.34
N LEU E 794 21.14 -30.61 3.25
CA LEU E 794 22.43 -29.94 3.38
C LEU E 794 22.28 -28.45 3.63
N ILE E 795 21.22 -27.83 3.13
CA ILE E 795 21.05 -26.40 3.33
C ILE E 795 20.37 -26.13 4.67
N LEU E 796 19.89 -27.18 5.30
CA LEU E 796 19.08 -27.01 6.49
C LEU E 796 19.78 -27.55 7.73
N THR E 797 20.67 -28.54 7.58
CA THR E 797 21.42 -29.11 8.70
C THR E 797 22.34 -28.12 9.40
N PRO E 798 23.21 -27.37 8.73
CA PRO E 798 24.06 -26.42 9.45
C PRO E 798 23.33 -25.20 9.95
N LEU E 799 22.11 -24.94 9.51
CA LEU E 799 21.34 -23.80 9.97
C LEU E 799 20.37 -24.15 11.08
N LEU E 800 20.00 -25.41 11.21
CA LEU E 800 19.20 -25.88 12.34
C LEU E 800 20.02 -26.63 13.37
N GLY E 801 21.32 -26.75 13.16
CA GLY E 801 22.17 -27.25 14.22
C GLY E 801 22.14 -28.73 14.39
N LEU E 802 21.93 -29.48 13.32
CA LEU E 802 21.95 -30.91 13.44
C LEU E 802 23.33 -31.40 13.86
N THR E 803 24.38 -30.79 13.32
CA THR E 803 25.75 -31.15 13.64
C THR E 803 26.10 -31.11 15.13
N TRP E 804 25.56 -30.11 15.84
CA TRP E 804 25.76 -29.98 17.30
C TRP E 804 25.17 -31.21 18.01
N GLY E 805 24.69 -32.18 17.23
CA GLY E 805 24.09 -33.41 17.80
C GLY E 805 25.13 -34.50 18.00
N PHE E 806 26.35 -34.24 17.53
CA PHE E 806 27.48 -35.20 17.71
C PHE E 806 27.93 -35.15 19.17
N GLY E 807 27.80 -33.97 19.79
CA GLY E 807 28.16 -33.78 21.21
C GLY E 807 27.45 -34.79 22.10
N ILE E 808 26.35 -35.37 21.63
CA ILE E 808 25.68 -36.35 22.48
C ILE E 808 26.62 -37.51 22.77
N GLY E 809 27.24 -38.06 21.74
CA GLY E 809 28.24 -39.09 21.97
C GLY E 809 29.38 -38.58 22.83
N THR E 810 29.88 -37.39 22.49
CA THR E 810 30.95 -36.77 23.27
C THR E 810 30.54 -36.63 24.73
N ILE E 811 29.24 -36.53 24.98
CA ILE E 811 28.77 -36.46 26.36
C ILE E 811 28.48 -37.84 26.89
N VAL E 812 27.95 -38.73 26.05
CA VAL E 812 27.60 -40.07 26.52
C VAL E 812 28.85 -40.89 26.78
N ASP E 813 29.81 -40.85 25.85
CA ASP E 813 31.03 -41.64 25.95
C ASP E 813 32.19 -40.74 25.55
N SER E 814 32.71 -39.99 26.52
CA SER E 814 33.69 -38.95 26.24
C SER E 814 35.01 -39.50 25.74
N GLN E 815 35.42 -40.68 26.18
CA GLN E 815 36.71 -41.23 25.77
C GLN E 815 36.66 -41.94 24.44
N ASN E 816 35.66 -41.64 23.60
CA ASN E 816 35.62 -42.22 22.26
C ASN E 816 36.74 -41.67 21.39
N LEU E 817 37.37 -40.58 21.82
CA LEU E 817 38.64 -40.13 21.27
C LEU E 817 38.51 -39.59 19.85
N ALA E 818 37.41 -39.95 19.20
CA ALA E 818 37.16 -39.58 17.78
C ALA E 818 35.93 -38.67 17.68
N TRP E 819 35.16 -38.54 18.76
CA TRP E 819 33.97 -37.63 18.77
C TRP E 819 34.46 -36.18 18.81
N HIS E 820 35.63 -35.96 19.43
CA HIS E 820 36.25 -34.63 19.54
C HIS E 820 36.72 -34.16 18.15
N VAL E 821 37.08 -35.08 17.25
CA VAL E 821 37.53 -34.62 15.96
C VAL E 821 36.33 -34.29 15.09
N ILE E 822 35.31 -35.14 15.12
CA ILE E 822 34.11 -34.88 14.35
C ILE E 822 33.46 -33.59 14.81
N PHE E 823 33.35 -33.41 16.13
CA PHE E 823 32.66 -32.24 16.65
C PHE E 823 33.40 -30.98 16.24
N ALA E 824 34.71 -30.98 16.40
CA ALA E 824 35.47 -29.79 16.08
C ALA E 824 35.41 -29.49 14.59
N LEU E 825 35.54 -30.52 13.76
CA LEU E 825 35.59 -30.29 12.33
C LEU E 825 34.25 -29.80 11.82
N LEU E 826 33.15 -30.18 12.48
CA LEU E 826 31.86 -29.83 11.91
C LEU E 826 31.24 -28.60 12.55
N ASN E 827 31.38 -28.42 13.85
CA ASN E 827 30.67 -27.37 14.56
C ASN E 827 31.43 -26.06 14.64
N ALA E 828 32.75 -26.11 14.76
CA ALA E 828 33.51 -24.87 14.70
C ALA E 828 33.34 -24.16 13.37
N PHE E 829 33.25 -24.92 12.29
CA PHE E 829 33.07 -24.36 10.95
C PHE E 829 31.64 -24.01 10.66
N GLN E 830 30.80 -23.88 11.69
CA GLN E 830 29.39 -23.64 11.48
C GLN E 830 29.14 -22.26 10.87
N GLY E 831 29.98 -21.29 11.19
CA GLY E 831 29.93 -20.03 10.47
C GLY E 831 30.36 -20.14 9.03
N PHE E 832 31.42 -20.90 8.78
CA PHE E 832 31.82 -21.20 7.40
C PHE E 832 30.69 -21.89 6.67
N PHE E 833 30.00 -22.79 7.35
CA PHE E 833 28.85 -23.46 6.75
C PHE E 833 27.71 -22.50 6.49
N ILE E 834 27.46 -21.57 7.41
CA ILE E 834 26.39 -20.60 7.21
C ILE E 834 26.66 -19.77 5.97
N LEU E 835 27.91 -19.33 5.80
CA LEU E 835 28.22 -18.55 4.60
C LEU E 835 28.13 -19.40 3.35
N CYS E 836 28.76 -20.57 3.33
CA CYS E 836 28.87 -21.34 2.10
C CYS E 836 27.56 -22.05 1.76
N PHE E 837 26.84 -22.53 2.76
CA PHE E 837 25.60 -23.24 2.50
C PHE E 837 24.36 -22.43 2.83
N GLY E 838 24.31 -21.81 4.01
CA GLY E 838 23.09 -21.15 4.44
C GLY E 838 22.75 -19.95 3.59
N ILE E 839 23.77 -19.33 2.98
CA ILE E 839 23.56 -18.13 2.19
C ILE E 839 23.85 -18.38 0.72
N LEU E 840 24.98 -19.00 0.42
CA LEU E 840 25.47 -19.05 -0.95
C LEU E 840 24.78 -20.11 -1.81
N LEU E 841 23.80 -20.82 -1.27
CA LEU E 841 23.01 -21.74 -2.07
C LEU E 841 21.75 -21.09 -2.65
N ASP E 842 21.48 -19.84 -2.31
CA ASP E 842 20.30 -19.13 -2.80
C ASP E 842 20.64 -18.57 -4.18
N SER E 843 19.88 -18.99 -5.19
CA SER E 843 20.16 -18.57 -6.56
C SER E 843 20.05 -17.05 -6.71
N LYS E 844 19.02 -16.44 -6.10
CA LYS E 844 18.91 -14.99 -6.13
C LYS E 844 20.11 -14.34 -5.46
N LEU E 845 20.54 -14.87 -4.31
CA LEU E 845 21.71 -14.32 -3.64
C LEU E 845 22.97 -14.49 -4.47
N ARG E 846 23.14 -15.65 -5.12
CA ARG E 846 24.30 -15.85 -5.97
C ARG E 846 24.31 -14.85 -7.12
N GLN E 847 23.15 -14.66 -7.77
CA GLN E 847 23.07 -13.70 -8.87
C GLN E 847 23.35 -12.28 -8.40
N LEU E 848 22.79 -11.89 -7.25
CA LEU E 848 23.03 -10.55 -6.73
C LEU E 848 24.50 -10.35 -6.40
N LEU E 849 25.12 -11.34 -5.77
CA LEU E 849 26.54 -11.22 -5.43
C LEU E 849 27.38 -11.08 -6.69
N PHE E 850 27.12 -11.90 -7.69
CA PHE E 850 27.90 -11.84 -8.93
C PHE E 850 27.69 -10.51 -9.63
N ASN E 851 26.46 -10.01 -9.64
CA ASN E 851 26.16 -8.80 -10.40
C ASN E 851 26.67 -7.53 -9.71
N LYS E 852 26.66 -7.51 -8.38
CA LYS E 852 27.01 -6.29 -7.66
C LYS E 852 28.46 -6.26 -7.17
N LEU E 853 29.05 -7.41 -6.84
CA LEU E 853 30.41 -7.43 -6.33
C LEU E 853 31.46 -7.66 -7.41
N SER E 854 31.12 -8.36 -8.48
CA SER E 854 32.08 -8.64 -9.54
C SER E 854 31.39 -8.79 -10.89
#